data_1D1B
#
_entry.id   1D1B
#
_cell.length_a   103.880
_cell.length_b   180.460
_cell.length_c   54.070
_cell.angle_alpha   90.00
_cell.angle_beta   90.00
_cell.angle_gamma   90.00
#
_symmetry.space_group_name_H-M   'P 21 21 2'
#
loop_
_entity.id
_entity.type
_entity.pdbx_description
1 polymer MYOSIN
2 non-polymer 'MAGNESIUM ION'
3 non-polymer 'O,P-DINITROPHENYL AMINOPROPYLDIPHOSPHATE BERYLLIUM TRIFLUORIDE'
4 water water
#
_entity_poly.entity_id   1
_entity_poly.type   'polypeptide(L)'
_entity_poly.pdbx_seq_one_letter_code
;MNPIHDRTSDYHKYLKVKQGDSDLFKLTVSDKRYIWYNPDPKERDSYECGEIVSETSDSFTFKTVDGQDRQVKKDDANQR
NPIKFDGVEDMSELSYLNEPAVFHNLRVRYNQDLIYTYSGLFLVAVNPFKRIPIYTQEMVDIFKGRRRNEVAPHIFAISD
VAYRSMLDDRQNQSLLITGESGAGKTENTKKVIQYLASVAGRNQANGSGVLEQQILQANPILEAFGNAKTTRNNNSSRFG
KFIEIQFNNAGFISGASIQSYLLEKSRVVFQSETERNYHIFYQLLAGATAEEKKALHLAGPESFNYLNQSGCVDIKGVSD
SEEFKITRQAMDIVGFSQEEQMSIFKIIAGILHLGNIKFEKGAGEGAVLKDKTALNAASTVFGVNPSVLEKALMEPRILA
GRDLVAQHLNVEKSSSSRDALVKALYGRLFLWLVKKINNVLCQERKAYFIGVLDISGFEIFKVNSFEQLCINYTNEKLQQ
FFNHHMFKLEQEEYLKEKINWTFIDFGLDSQATIDLIDGRQPPGILALLDEQSVFPNATDNTLITKLHSHFSKKNAKYEE
PRFSKTEFGVTHYAGQVMYEIQDWLEKNKDPLQQDLELCFKDSSDNVVTKLFNDPNIASRAKKGANFITVAAQYKEQLAS
LMATLETTNPHFVRCIIPNNKQLPAKLEDKVVLDQLRCNGVLEGIRITRKGFPNRIIYADFVKRYYLLAPNVPRDAEDSQ
KATDAVLKHLNIDPEQYRFGITKIFFRAGQLARIEEAREPN
;
_entity_poly.pdbx_strand_id   A
#
loop_
_chem_comp.id
_chem_comp.type
_chem_comp.name
_chem_comp.formula
DAQ non-polymer 'O,P-DINITROPHENYL AMINOPROPYLDIPHOSPHATE BERYLLIUM TRIFLUORIDE' 'C9 H12 Be F3 N3 O11 P2'
MG non-polymer 'MAGNESIUM ION' 'Mg 2'
#
# COMPACT_ATOMS: atom_id res chain seq x y z
N ASN A 2 -34.46 3.13 -10.67
CA ASN A 2 -33.49 3.32 -9.58
C ASN A 2 -32.78 2.05 -9.18
N PRO A 3 -31.63 1.94 -9.79
CA PRO A 3 -30.70 0.86 -9.61
C PRO A 3 -30.69 0.35 -8.16
N ILE A 4 -30.70 1.23 -7.17
CA ILE A 4 -30.76 0.79 -5.77
C ILE A 4 -32.10 0.13 -5.40
N HIS A 5 -33.16 0.37 -6.18
CA HIS A 5 -34.47 -0.24 -5.96
C HIS A 5 -34.76 -1.28 -7.02
N ASP A 6 -34.10 -1.16 -8.16
CA ASP A 6 -34.25 -2.14 -9.20
C ASP A 6 -33.39 -3.42 -8.97
N ARG A 7 -33.97 -4.42 -8.28
CA ARG A 7 -33.38 -5.71 -7.99
C ARG A 7 -32.86 -6.42 -9.22
N THR A 8 -33.04 -5.85 -10.41
CA THR A 8 -32.55 -6.45 -11.66
C THR A 8 -31.33 -5.72 -12.16
N SER A 9 -31.06 -4.53 -11.58
CA SER A 9 -29.86 -3.81 -12.07
C SER A 9 -28.50 -4.53 -11.75
N ASP A 10 -27.45 -4.17 -12.52
CA ASP A 10 -26.11 -4.64 -12.33
C ASP A 10 -25.63 -4.30 -10.93
N TYR A 11 -26.21 -3.23 -10.34
CA TYR A 11 -25.88 -2.76 -9.03
C TYR A 11 -26.26 -3.89 -8.12
N HIS A 12 -27.48 -4.31 -8.29
CA HIS A 12 -27.89 -5.42 -7.49
C HIS A 12 -27.06 -6.70 -7.74
N LYS A 13 -26.92 -7.03 -9.01
CA LYS A 13 -26.21 -8.24 -9.41
C LYS A 13 -24.81 -8.34 -8.82
N TYR A 14 -24.07 -7.25 -9.07
CA TYR A 14 -22.66 -7.14 -8.75
C TYR A 14 -22.24 -6.63 -7.38
N LEU A 15 -23.14 -5.93 -6.63
CA LEU A 15 -22.71 -5.37 -5.38
C LEU A 15 -23.51 -5.72 -4.21
N LYS A 16 -24.61 -6.49 -4.43
CA LYS A 16 -25.42 -6.88 -3.23
C LYS A 16 -25.59 -8.36 -3.12
N VAL A 17 -25.90 -8.85 -1.93
CA VAL A 17 -26.31 -10.19 -1.72
C VAL A 17 -27.70 -10.25 -2.29
N LYS A 18 -27.92 -11.15 -3.24
CA LYS A 18 -29.18 -11.23 -3.96
C LYS A 18 -30.35 -11.38 -3.06
N GLN A 19 -31.42 -10.57 -3.26
CA GLN A 19 -32.59 -10.69 -2.37
C GLN A 19 -33.82 -11.35 -2.99
N GLY A 20 -34.40 -12.22 -2.15
CA GLY A 20 -35.54 -13.03 -2.48
C GLY A 20 -36.83 -12.29 -2.27
N ASP A 21 -37.88 -13.05 -2.27
CA ASP A 21 -39.16 -12.44 -2.16
C ASP A 21 -39.65 -12.35 -0.76
N SER A 22 -39.05 -13.18 0.09
CA SER A 22 -39.43 -13.15 1.49
C SER A 22 -38.32 -12.67 2.39
N ASP A 23 -38.75 -11.75 3.26
CA ASP A 23 -37.99 -11.01 4.27
C ASP A 23 -38.21 -11.57 5.69
N LEU A 24 -39.02 -12.63 5.75
CA LEU A 24 -39.38 -13.18 7.04
C LEU A 24 -38.25 -13.76 7.89
N PHE A 25 -38.35 -13.52 9.20
CA PHE A 25 -37.38 -14.00 10.17
C PHE A 25 -37.42 -15.53 10.27
N LYS A 26 -38.61 -16.06 9.92
CA LYS A 26 -38.95 -17.48 9.95
C LYS A 26 -38.13 -18.39 9.03
N LEU A 27 -37.90 -17.99 7.77
CA LEU A 27 -37.14 -18.84 6.84
C LEU A 27 -35.80 -19.36 7.44
N THR A 28 -35.09 -18.35 8.00
CA THR A 28 -33.79 -18.43 8.66
C THR A 28 -33.69 -19.45 9.81
N VAL A 29 -34.83 -19.81 10.39
CA VAL A 29 -34.78 -20.71 11.50
C VAL A 29 -34.16 -22.07 11.19
N SER A 30 -33.56 -22.60 12.27
CA SER A 30 -32.86 -23.86 12.42
C SER A 30 -32.42 -23.89 13.90
N ASP A 31 -32.38 -25.07 14.52
CA ASP A 31 -32.00 -25.14 15.92
C ASP A 31 -30.50 -25.41 16.17
N LYS A 32 -29.85 -26.02 15.14
CA LYS A 32 -28.43 -26.50 15.02
C LYS A 32 -27.28 -25.46 15.25
N ARG A 33 -26.63 -25.41 16.46
CA ARG A 33 -25.50 -24.47 16.71
C ARG A 33 -24.17 -24.95 16.16
N TYR A 34 -23.24 -24.03 16.10
CA TYR A 34 -21.95 -24.41 15.58
C TYR A 34 -20.76 -23.59 16.13
N ILE A 35 -19.59 -24.09 15.88
CA ILE A 35 -18.41 -23.41 16.32
C ILE A 35 -17.36 -23.54 15.22
N TRP A 36 -16.34 -22.74 15.22
CA TRP A 36 -15.27 -22.89 14.24
C TRP A 36 -14.10 -23.58 15.00
N TYR A 37 -13.66 -24.74 14.52
CA TYR A 37 -12.59 -25.52 15.16
C TYR A 37 -11.53 -25.87 14.12
N ASN A 38 -10.34 -26.24 14.57
CA ASN A 38 -9.32 -26.64 13.61
C ASN A 38 -9.12 -28.15 13.65
N PRO A 39 -9.54 -28.86 12.57
CA PRO A 39 -9.37 -30.33 12.52
C PRO A 39 -7.91 -30.82 12.61
N ASP A 40 -7.01 -29.85 12.80
CA ASP A 40 -5.58 -30.04 12.91
C ASP A 40 -4.88 -28.68 13.23
N PRO A 41 -4.45 -28.54 14.53
CA PRO A 41 -3.91 -27.36 15.19
C PRO A 41 -2.55 -26.86 14.79
N LYS A 42 -1.84 -27.63 13.97
CA LYS A 42 -0.56 -27.18 13.49
C LYS A 42 -0.84 -25.85 12.85
N GLU A 43 -1.59 -26.05 11.75
CA GLU A 43 -2.14 -25.06 10.89
C GLU A 43 -3.50 -24.55 11.35
N ARG A 44 -3.36 -23.45 12.08
CA ARG A 44 -4.39 -22.71 12.74
C ARG A 44 -5.30 -21.82 11.82
N ASP A 45 -4.99 -21.52 10.58
CA ASP A 45 -5.94 -20.66 9.85
C ASP A 45 -6.94 -21.48 9.16
N SER A 46 -6.77 -22.77 9.40
CA SER A 46 -7.70 -23.71 8.87
C SER A 46 -8.76 -23.94 9.94
N TYR A 47 -10.02 -24.11 9.51
CA TYR A 47 -11.16 -24.36 10.37
C TYR A 47 -12.29 -25.09 9.64
N GLU A 48 -13.05 -25.83 10.38
CA GLU A 48 -14.19 -26.46 9.82
C GLU A 48 -15.31 -26.11 10.79
N CYS A 49 -16.54 -26.36 10.37
CA CYS A 49 -17.67 -26.02 11.19
C CYS A 49 -18.06 -27.26 11.87
N GLY A 50 -18.25 -27.18 13.17
CA GLY A 50 -18.65 -28.36 13.90
C GLY A 50 -20.01 -28.10 14.53
N GLU A 51 -20.89 -29.10 14.43
CA GLU A 51 -22.18 -28.83 15.00
C GLU A 51 -22.14 -29.12 16.45
N ILE A 52 -22.34 -28.11 17.26
CA ILE A 52 -22.28 -28.38 18.66
C ILE A 52 -23.50 -29.13 19.13
N VAL A 53 -23.23 -30.37 19.57
CA VAL A 53 -24.23 -31.30 20.02
C VAL A 53 -24.34 -31.52 21.53
N SER A 54 -23.32 -31.13 22.26
CA SER A 54 -23.34 -31.25 23.69
C SER A 54 -22.69 -30.05 24.31
N GLU A 55 -23.21 -29.70 25.48
CA GLU A 55 -22.73 -28.61 26.30
C GLU A 55 -22.44 -29.02 27.72
N THR A 56 -21.19 -28.98 28.07
CA THR A 56 -20.85 -29.24 29.42
C THR A 56 -21.24 -27.98 30.18
N SER A 57 -20.81 -27.79 31.37
CA SER A 57 -21.24 -26.58 31.99
C SER A 57 -20.41 -25.37 31.57
N ASP A 58 -19.10 -25.67 31.28
CA ASP A 58 -18.10 -24.69 30.84
C ASP A 58 -17.33 -25.07 29.53
N SER A 59 -17.99 -25.74 28.59
CA SER A 59 -17.29 -26.17 27.39
C SER A 59 -18.22 -26.85 26.40
N PHE A 60 -17.81 -26.95 25.19
CA PHE A 60 -18.71 -27.67 24.35
C PHE A 60 -18.05 -28.91 23.83
N THR A 61 -18.88 -29.70 23.30
CA THR A 61 -18.48 -30.93 22.73
C THR A 61 -19.25 -30.88 21.42
N PHE A 62 -18.52 -30.69 20.30
CA PHE A 62 -19.14 -30.59 18.96
C PHE A 62 -18.79 -31.75 18.01
N LYS A 63 -19.43 -31.78 16.84
CA LYS A 63 -19.22 -32.87 15.90
C LYS A 63 -18.44 -32.51 14.66
N THR A 64 -17.23 -33.03 14.62
CA THR A 64 -16.32 -32.88 13.50
C THR A 64 -17.03 -33.15 12.15
N VAL A 65 -16.40 -32.67 11.08
CA VAL A 65 -16.97 -32.93 9.78
C VAL A 65 -16.82 -34.39 9.43
N ASP A 66 -15.82 -35.00 10.04
CA ASP A 66 -15.53 -36.40 9.82
C ASP A 66 -16.39 -37.28 10.70
N GLY A 67 -17.25 -36.62 11.49
CA GLY A 67 -18.20 -37.32 12.33
C GLY A 67 -17.77 -37.53 13.74
N GLN A 68 -16.47 -37.57 13.96
CA GLN A 68 -15.98 -37.75 15.30
C GLN A 68 -16.36 -36.58 16.21
N ASP A 69 -16.74 -36.89 17.42
CA ASP A 69 -17.08 -35.85 18.36
C ASP A 69 -15.78 -35.31 18.97
N ARG A 70 -15.82 -34.11 19.54
CA ARG A 70 -14.66 -33.45 20.20
C ARG A 70 -15.21 -32.60 21.35
N GLN A 71 -14.31 -32.12 22.24
CA GLN A 71 -14.68 -31.27 23.39
C GLN A 71 -14.00 -29.94 23.26
N VAL A 72 -14.56 -28.89 23.92
CA VAL A 72 -13.98 -27.53 23.83
C VAL A 72 -14.36 -26.63 24.96
N LYS A 73 -13.46 -25.73 25.36
CA LYS A 73 -13.80 -24.78 26.41
C LYS A 73 -14.56 -23.65 25.83
N LYS A 74 -15.59 -23.35 26.58
CA LYS A 74 -16.51 -22.28 26.28
C LYS A 74 -15.74 -20.98 26.07
N ASP A 75 -14.56 -20.94 26.66
CA ASP A 75 -13.83 -19.72 26.50
C ASP A 75 -12.82 -19.63 25.40
N ASP A 76 -12.58 -20.83 24.88
CA ASP A 76 -11.67 -21.05 23.76
C ASP A 76 -12.50 -21.27 22.48
N ALA A 77 -13.83 -21.21 22.63
CA ALA A 77 -14.75 -21.46 21.54
C ALA A 77 -14.92 -20.35 20.55
N ASN A 78 -14.77 -20.75 19.30
CA ASN A 78 -14.94 -19.83 18.20
C ASN A 78 -16.34 -20.00 17.69
N GLN A 79 -17.24 -19.25 18.31
CA GLN A 79 -18.61 -19.32 17.93
C GLN A 79 -18.91 -18.72 16.57
N ARG A 80 -19.68 -19.51 15.81
CA ARG A 80 -20.16 -19.22 14.46
C ARG A 80 -21.39 -18.34 14.51
N ASN A 81 -21.38 -17.23 13.81
CA ASN A 81 -22.57 -16.40 13.89
C ASN A 81 -23.76 -17.03 13.21
N PRO A 82 -24.95 -16.58 13.57
CA PRO A 82 -26.12 -17.10 12.88
C PRO A 82 -26.07 -16.82 11.37
N ILE A 83 -26.62 -17.76 10.60
CA ILE A 83 -26.61 -17.74 9.14
C ILE A 83 -27.23 -16.51 8.54
N LYS A 84 -28.20 -15.94 9.22
CA LYS A 84 -28.76 -14.68 8.75
C LYS A 84 -27.62 -13.68 8.50
N PHE A 85 -26.56 -13.68 9.33
CA PHE A 85 -25.41 -12.76 9.22
C PHE A 85 -24.41 -13.10 8.11
N ASP A 86 -24.53 -14.27 7.50
CA ASP A 86 -23.60 -14.63 6.42
C ASP A 86 -23.70 -13.67 5.21
N GLY A 87 -22.73 -12.79 5.04
CA GLY A 87 -22.82 -11.89 3.92
C GLY A 87 -23.07 -10.46 4.36
N VAL A 88 -23.22 -10.15 5.66
CA VAL A 88 -23.41 -8.74 6.01
C VAL A 88 -22.30 -7.82 5.50
N GLU A 89 -22.74 -6.58 5.30
CA GLU A 89 -21.95 -5.51 4.72
C GLU A 89 -20.89 -4.89 5.61
N ASP A 90 -21.12 -4.96 6.93
CA ASP A 90 -20.14 -4.43 7.87
C ASP A 90 -19.81 -5.53 8.86
N MET A 91 -18.55 -5.90 9.04
CA MET A 91 -18.36 -6.97 10.03
C MET A 91 -18.82 -6.54 11.43
N SER A 92 -18.95 -5.26 11.63
CA SER A 92 -19.34 -4.74 12.94
C SER A 92 -20.71 -5.20 13.41
N GLU A 93 -21.45 -5.73 12.44
CA GLU A 93 -22.81 -6.23 12.63
C GLU A 93 -22.77 -7.67 13.13
N LEU A 94 -21.60 -8.25 13.26
CA LEU A 94 -21.62 -9.60 13.72
C LEU A 94 -21.61 -9.65 15.21
N SER A 95 -22.19 -10.69 15.74
CA SER A 95 -22.29 -10.95 17.18
C SER A 95 -21.00 -11.55 17.70
N TYR A 96 -20.60 -12.69 17.13
CA TYR A 96 -19.35 -13.38 17.43
C TYR A 96 -18.25 -12.80 16.48
N LEU A 97 -17.31 -12.03 17.05
CA LEU A 97 -16.25 -11.34 16.30
C LEU A 97 -14.89 -12.06 16.29
N ASN A 98 -14.92 -13.36 16.28
CA ASN A 98 -13.68 -14.09 16.26
C ASN A 98 -13.03 -14.11 14.88
N GLU A 99 -11.77 -14.42 14.78
CA GLU A 99 -11.20 -14.45 13.47
C GLU A 99 -11.85 -15.34 12.43
N PRO A 100 -12.18 -16.60 12.75
CA PRO A 100 -12.74 -17.46 11.68
C PRO A 100 -14.08 -16.94 11.24
N ALA A 101 -14.78 -16.31 12.19
CA ALA A 101 -16.05 -15.70 11.97
C ALA A 101 -15.85 -14.58 10.98
N VAL A 102 -14.77 -13.80 11.18
CA VAL A 102 -14.41 -12.71 10.31
C VAL A 102 -14.05 -13.27 8.94
N PHE A 103 -13.23 -14.31 8.91
CA PHE A 103 -12.87 -14.87 7.65
C PHE A 103 -14.07 -15.41 6.91
N HIS A 104 -14.98 -16.04 7.65
CA HIS A 104 -16.17 -16.62 7.04
C HIS A 104 -17.04 -15.59 6.29
N ASN A 105 -17.33 -14.45 6.92
CA ASN A 105 -18.10 -13.41 6.31
C ASN A 105 -17.43 -12.89 5.08
N LEU A 106 -16.16 -12.67 5.19
CA LEU A 106 -15.52 -12.21 3.97
C LEU A 106 -15.55 -13.22 2.85
N ARG A 107 -15.44 -14.50 3.19
CA ARG A 107 -15.40 -15.54 2.19
C ARG A 107 -16.78 -15.69 1.49
N VAL A 108 -17.81 -15.66 2.35
CA VAL A 108 -19.17 -15.79 1.84
C VAL A 108 -19.39 -14.67 0.80
N ARG A 109 -18.89 -13.51 1.10
CA ARG A 109 -19.04 -12.42 0.17
C ARG A 109 -18.26 -12.65 -1.06
N TYR A 110 -17.01 -12.95 -0.86
CA TYR A 110 -16.13 -13.09 -1.99
C TYR A 110 -16.63 -14.21 -2.95
N ASN A 111 -17.27 -15.22 -2.36
CA ASN A 111 -17.87 -16.35 -3.11
C ASN A 111 -18.97 -15.83 -4.04
N GLN A 112 -19.50 -14.65 -3.74
CA GLN A 112 -20.51 -13.97 -4.54
C GLN A 112 -19.88 -12.84 -5.27
N ASP A 113 -18.60 -12.86 -5.34
CA ASP A 113 -17.94 -11.77 -6.04
C ASP A 113 -18.17 -10.38 -5.39
N LEU A 114 -18.42 -10.38 -4.11
CA LEU A 114 -18.58 -9.10 -3.38
C LEU A 114 -17.23 -8.87 -2.71
N ILE A 115 -16.36 -8.15 -3.42
CA ILE A 115 -14.98 -7.90 -3.03
C ILE A 115 -14.81 -6.80 -1.97
N TYR A 116 -15.84 -6.03 -1.72
CA TYR A 116 -15.77 -4.93 -0.72
C TYR A 116 -16.60 -5.20 0.49
N THR A 117 -16.05 -4.96 1.66
CA THR A 117 -16.83 -5.20 2.88
C THR A 117 -16.29 -4.23 3.95
N TYR A 118 -17.15 -3.74 4.83
CA TYR A 118 -16.73 -2.87 5.92
C TYR A 118 -16.39 -3.69 7.13
N SER A 119 -15.43 -3.16 7.90
CA SER A 119 -15.13 -3.73 9.21
C SER A 119 -14.99 -2.47 10.07
N GLY A 120 -16.06 -1.99 10.65
CA GLY A 120 -15.97 -0.74 11.42
C GLY A 120 -15.51 0.38 10.51
N LEU A 121 -14.42 0.98 10.92
CA LEU A 121 -13.91 2.07 10.14
C LEU A 121 -13.18 1.66 8.92
N PHE A 122 -12.95 0.36 8.73
CA PHE A 122 -12.26 0.00 7.47
C PHE A 122 -13.21 -0.52 6.32
N LEU A 123 -12.71 -0.23 5.13
CA LEU A 123 -13.22 -0.77 3.93
C LEU A 123 -12.21 -1.87 3.62
N VAL A 124 -12.66 -3.09 3.67
CA VAL A 124 -11.83 -4.21 3.24
C VAL A 124 -12.11 -4.48 1.76
N ALA A 125 -11.04 -4.53 0.98
CA ALA A 125 -11.13 -4.78 -0.45
C ALA A 125 -10.28 -5.99 -0.81
N VAL A 126 -10.87 -7.10 -1.29
CA VAL A 126 -10.11 -8.32 -1.66
C VAL A 126 -10.04 -8.48 -3.17
N ASN A 127 -8.81 -8.57 -3.69
CA ASN A 127 -8.63 -8.70 -5.14
C ASN A 127 -9.36 -9.89 -5.73
N PRO A 128 -10.28 -9.65 -6.64
CA PRO A 128 -11.00 -10.76 -7.24
C PRO A 128 -10.15 -11.50 -8.30
N PHE A 129 -9.15 -10.84 -8.80
CA PHE A 129 -8.31 -11.36 -9.85
C PHE A 129 -9.08 -11.63 -11.07
N LYS A 130 -10.01 -10.76 -11.38
CA LYS A 130 -10.81 -10.82 -12.57
C LYS A 130 -11.63 -9.59 -12.61
N ARG A 131 -12.05 -9.23 -13.80
CA ARG A 131 -12.76 -7.97 -13.96
C ARG A 131 -14.20 -8.12 -13.59
N ILE A 132 -14.65 -7.17 -12.76
CA ILE A 132 -16.03 -7.00 -12.30
C ILE A 132 -16.44 -5.63 -12.80
N PRO A 133 -17.54 -5.54 -13.52
CA PRO A 133 -17.89 -4.24 -14.11
C PRO A 133 -18.63 -3.29 -13.14
N ILE A 134 -18.01 -2.88 -12.05
CA ILE A 134 -18.61 -2.02 -11.09
C ILE A 134 -18.02 -0.56 -10.99
N TYR A 135 -17.29 -0.18 -11.97
CA TYR A 135 -16.64 1.09 -12.02
C TYR A 135 -17.06 1.92 -13.24
N THR A 136 -18.24 1.63 -13.79
CA THR A 136 -18.70 2.35 -14.96
C THR A 136 -19.21 3.70 -14.49
N GLN A 137 -19.53 4.60 -15.46
CA GLN A 137 -20.08 5.90 -15.09
C GLN A 137 -21.39 5.79 -14.43
N GLU A 138 -22.08 4.76 -14.92
CA GLU A 138 -23.38 4.42 -14.37
C GLU A 138 -23.23 4.01 -12.91
N MET A 139 -22.16 3.25 -12.60
CA MET A 139 -21.91 2.87 -11.20
C MET A 139 -21.48 4.13 -10.42
N VAL A 140 -20.71 5.02 -11.11
CA VAL A 140 -20.32 6.28 -10.44
C VAL A 140 -21.56 6.98 -9.97
N ASP A 141 -22.41 7.20 -10.94
CA ASP A 141 -23.63 7.89 -10.70
C ASP A 141 -24.39 7.42 -9.48
N ILE A 142 -24.43 6.13 -9.28
CA ILE A 142 -25.19 5.64 -8.15
C ILE A 142 -24.69 6.10 -6.78
N PHE A 143 -23.39 6.26 -6.66
CA PHE A 143 -22.88 6.57 -5.33
C PHE A 143 -23.09 8.01 -4.88
N LYS A 144 -23.41 8.87 -5.84
CA LYS A 144 -23.57 10.30 -5.54
C LYS A 144 -24.42 10.69 -4.35
N GLY A 145 -23.79 11.33 -3.34
CA GLY A 145 -24.53 11.81 -2.15
C GLY A 145 -25.11 10.74 -1.28
N ARG A 146 -24.74 9.47 -1.52
CA ARG A 146 -25.36 8.48 -0.64
C ARG A 146 -24.54 8.17 0.58
N ARG A 147 -25.20 7.97 1.73
CA ARG A 147 -24.49 7.61 2.94
C ARG A 147 -23.91 6.20 2.83
N ARG A 148 -22.86 5.94 3.60
CA ARG A 148 -22.18 4.63 3.73
C ARG A 148 -23.16 3.50 3.87
N ASN A 149 -24.10 3.71 4.77
CA ASN A 149 -25.16 2.80 5.15
C ASN A 149 -26.28 2.81 4.15
N GLU A 150 -26.13 3.55 3.12
CA GLU A 150 -27.29 3.54 2.31
C GLU A 150 -27.07 2.83 1.01
N VAL A 151 -25.83 2.43 0.77
CA VAL A 151 -25.46 1.77 -0.44
C VAL A 151 -24.46 0.67 -0.09
N ALA A 152 -24.22 -0.22 -1.01
CA ALA A 152 -23.25 -1.31 -0.86
C ALA A 152 -21.86 -0.78 -0.64
N PRO A 153 -20.97 -1.60 -0.02
CA PRO A 153 -19.58 -1.21 0.19
C PRO A 153 -18.92 -1.07 -1.12
N HIS A 154 -18.13 -0.06 -1.26
CA HIS A 154 -17.44 0.19 -2.52
C HIS A 154 -16.41 1.30 -2.32
N ILE A 155 -15.35 1.26 -3.07
CA ILE A 155 -14.40 2.36 -3.01
C ILE A 155 -15.11 3.68 -3.34
N PHE A 156 -16.07 3.64 -4.26
CA PHE A 156 -16.85 4.82 -4.66
C PHE A 156 -17.57 5.45 -3.48
N ALA A 157 -18.00 4.55 -2.62
CA ALA A 157 -18.71 4.96 -1.47
C ALA A 157 -17.86 5.76 -0.49
N ILE A 158 -16.73 5.21 -0.16
CA ILE A 158 -15.77 5.85 0.73
C ILE A 158 -15.44 7.18 0.13
N SER A 159 -15.16 7.18 -1.18
CA SER A 159 -14.83 8.44 -1.80
C SER A 159 -15.92 9.48 -1.65
N ASP A 160 -17.18 9.09 -1.88
CA ASP A 160 -18.29 10.07 -1.73
C ASP A 160 -18.33 10.61 -0.31
N VAL A 161 -18.30 9.70 0.65
CA VAL A 161 -18.36 10.05 2.05
C VAL A 161 -17.23 11.04 2.37
N ALA A 162 -16.11 10.90 1.76
CA ALA A 162 -15.02 11.80 2.02
C ALA A 162 -15.30 13.16 1.38
N TYR A 163 -15.68 13.17 0.15
CA TYR A 163 -15.97 14.42 -0.51
C TYR A 163 -17.09 15.19 0.22
N ARG A 164 -18.14 14.51 0.67
CA ARG A 164 -19.26 15.16 1.38
C ARG A 164 -18.79 15.72 2.71
N SER A 165 -17.86 15.00 3.33
CA SER A 165 -17.31 15.40 4.63
C SER A 165 -16.48 16.65 4.46
N MET A 166 -15.80 16.69 3.39
CA MET A 166 -15.00 17.83 3.09
C MET A 166 -15.92 19.09 2.94
N LEU A 167 -16.94 18.98 2.11
CA LEU A 167 -17.90 20.06 1.86
C LEU A 167 -18.67 20.48 3.10
N ASP A 168 -19.04 19.47 3.88
CA ASP A 168 -19.84 19.64 5.08
C ASP A 168 -19.11 20.11 6.28
N ASP A 169 -17.89 19.66 6.47
CA ASP A 169 -17.21 20.06 7.69
C ASP A 169 -16.16 21.05 7.40
N ARG A 170 -15.92 21.28 6.12
CA ARG A 170 -14.86 22.22 5.76
C ARG A 170 -13.53 21.80 6.36
N GLN A 171 -13.24 20.54 6.20
CA GLN A 171 -12.06 19.88 6.70
C GLN A 171 -11.44 19.05 5.60
N ASN A 172 -10.14 19.10 5.50
CA ASN A 172 -9.38 18.31 4.56
C ASN A 172 -9.51 16.80 4.92
N GLN A 173 -9.32 15.95 3.89
CA GLN A 173 -9.50 14.55 4.16
C GLN A 173 -8.38 13.69 3.58
N SER A 174 -8.39 12.45 4.07
CA SER A 174 -7.45 11.51 3.55
C SER A 174 -8.07 10.08 3.43
N LEU A 175 -7.53 9.31 2.43
CA LEU A 175 -7.87 7.89 2.23
C LEU A 175 -6.54 7.12 2.30
N LEU A 176 -6.33 6.31 3.28
CA LEU A 176 -5.07 5.61 3.29
C LEU A 176 -5.38 4.16 2.77
N ILE A 177 -4.74 3.86 1.60
CA ILE A 177 -4.90 2.62 0.83
C ILE A 177 -3.59 1.82 0.90
N THR A 178 -3.62 0.78 1.78
CA THR A 178 -2.46 -0.04 2.02
C THR A 178 -2.68 -1.53 1.80
N GLY A 179 -1.57 -2.33 1.77
CA GLY A 179 -1.64 -3.79 1.61
C GLY A 179 -0.49 -4.28 0.76
N GLU A 180 -0.42 -5.63 0.64
CA GLU A 180 0.64 -6.27 -0.16
C GLU A 180 0.55 -5.97 -1.62
N SER A 181 1.65 -6.24 -2.25
CA SER A 181 1.82 -6.06 -3.66
C SER A 181 0.79 -6.96 -4.40
N GLY A 182 0.06 -6.37 -5.39
CA GLY A 182 -0.96 -7.09 -6.15
C GLY A 182 -2.28 -7.14 -5.41
N ALA A 183 -2.39 -6.46 -4.25
CA ALA A 183 -3.66 -6.42 -3.52
C ALA A 183 -4.76 -5.55 -4.21
N GLY A 184 -4.41 -4.61 -5.09
CA GLY A 184 -5.29 -3.66 -5.79
C GLY A 184 -5.23 -2.22 -5.24
N LYS A 185 -4.12 -1.77 -4.63
CA LYS A 185 -4.00 -0.42 -4.02
C LYS A 185 -4.05 0.62 -5.08
N THR A 186 -3.28 0.36 -6.10
CA THR A 186 -3.17 1.27 -7.20
C THR A 186 -4.46 1.38 -8.02
N GLU A 187 -5.06 0.22 -8.20
CA GLU A 187 -6.32 0.11 -8.90
C GLU A 187 -7.36 0.96 -8.21
N ASN A 188 -7.50 0.75 -6.92
CA ASN A 188 -8.42 1.49 -6.09
C ASN A 188 -8.12 2.99 -6.01
N THR A 189 -6.84 3.32 -6.04
CA THR A 189 -6.41 4.68 -6.03
C THR A 189 -6.94 5.38 -7.26
N LYS A 190 -6.88 4.71 -8.35
CA LYS A 190 -7.33 5.27 -9.62
C LYS A 190 -8.86 5.43 -9.65
N LYS A 191 -9.55 4.57 -8.93
CA LYS A 191 -11.02 4.66 -8.92
C LYS A 191 -11.45 5.88 -8.08
N VAL A 192 -10.71 6.14 -7.03
CA VAL A 192 -10.97 7.32 -6.15
C VAL A 192 -10.83 8.61 -6.98
N ILE A 193 -9.79 8.67 -7.73
CA ILE A 193 -9.57 9.85 -8.53
C ILE A 193 -10.59 9.94 -9.62
N GLN A 194 -10.98 8.79 -10.14
CA GLN A 194 -11.98 8.71 -11.17
C GLN A 194 -13.27 9.28 -10.67
N TYR A 195 -13.62 8.75 -9.54
CA TYR A 195 -14.80 9.18 -8.92
C TYR A 195 -14.83 10.66 -8.58
N LEU A 196 -13.76 11.17 -8.00
CA LEU A 196 -13.68 12.57 -7.63
C LEU A 196 -13.79 13.49 -8.84
N ALA A 197 -13.10 13.12 -9.91
CA ALA A 197 -13.05 13.84 -11.16
C ALA A 197 -14.46 13.99 -11.72
N SER A 198 -15.28 12.98 -11.53
CA SER A 198 -16.65 13.02 -12.02
C SER A 198 -17.56 13.78 -11.08
N VAL A 199 -17.54 13.47 -9.79
CA VAL A 199 -18.50 14.16 -8.95
C VAL A 199 -18.19 15.61 -8.73
N ALA A 200 -16.99 16.01 -9.06
CA ALA A 200 -16.56 17.35 -8.78
C ALA A 200 -15.79 18.05 -9.86
N GLY A 201 -15.61 17.45 -11.03
CA GLY A 201 -14.84 18.15 -12.07
C GLY A 201 -15.77 19.19 -12.72
N ARG A 202 -15.21 20.16 -13.50
CA ARG A 202 -16.01 21.23 -14.19
C ARG A 202 -16.37 20.97 -15.71
N ASN A 203 -17.22 19.95 -15.96
CA ASN A 203 -17.72 19.46 -17.27
C ASN A 203 -17.31 20.29 -18.49
N GLY A 209 -12.46 17.89 -18.98
CA GLY A 209 -11.91 19.24 -18.94
C GLY A 209 -10.40 19.20 -19.03
N VAL A 210 -9.79 20.36 -19.23
CA VAL A 210 -8.35 20.36 -19.36
C VAL A 210 -7.62 19.81 -18.13
N LEU A 211 -7.67 20.59 -17.04
CA LEU A 211 -7.07 20.27 -15.76
C LEU A 211 -7.37 18.85 -15.35
N GLU A 212 -8.63 18.46 -15.48
CA GLU A 212 -8.96 17.09 -15.12
C GLU A 212 -8.29 16.02 -15.99
N GLN A 213 -8.12 16.33 -17.25
CA GLN A 213 -7.49 15.38 -18.15
C GLN A 213 -6.05 15.24 -17.76
N GLN A 214 -5.49 16.37 -17.35
CA GLN A 214 -4.10 16.40 -16.99
C GLN A 214 -3.86 15.67 -15.70
N ILE A 215 -4.74 15.92 -14.78
CA ILE A 215 -4.68 15.22 -13.53
C ILE A 215 -4.66 13.74 -13.91
N LEU A 216 -5.59 13.33 -14.79
CA LEU A 216 -5.68 11.93 -15.16
C LEU A 216 -4.52 11.38 -15.98
N GLN A 217 -3.91 12.22 -16.74
CA GLN A 217 -2.88 11.68 -17.54
C GLN A 217 -1.53 11.59 -16.82
N ALA A 218 -1.41 12.27 -15.71
CA ALA A 218 -0.16 12.26 -14.99
C ALA A 218 0.25 10.85 -14.59
N ASN A 219 -0.75 10.10 -14.17
CA ASN A 219 -0.64 8.74 -13.71
C ASN A 219 0.15 7.85 -14.62
N PRO A 220 -0.46 7.56 -15.74
CA PRO A 220 0.14 6.71 -16.71
C PRO A 220 1.58 7.09 -16.92
N ILE A 221 1.85 8.39 -16.69
CA ILE A 221 3.20 8.89 -16.87
C ILE A 221 4.13 8.31 -15.82
N LEU A 222 3.72 8.48 -14.59
CA LEU A 222 4.44 7.99 -13.44
C LEU A 222 4.44 6.49 -13.44
N GLU A 223 3.41 5.86 -14.02
CA GLU A 223 3.37 4.38 -14.03
C GLU A 223 4.37 3.77 -14.99
N ALA A 224 4.70 4.50 -16.06
CA ALA A 224 5.65 3.95 -16.98
C ALA A 224 7.07 3.96 -16.44
N PHE A 225 7.39 4.99 -15.67
CA PHE A 225 8.71 5.18 -15.15
C PHE A 225 8.90 4.58 -13.77
N GLY A 226 7.82 4.40 -13.01
CA GLY A 226 7.92 3.87 -11.64
C GLY A 226 7.31 2.49 -11.40
N ASN A 227 6.76 1.89 -12.46
CA ASN A 227 6.13 0.60 -12.30
C ASN A 227 6.83 -0.47 -13.19
N ALA A 228 6.67 -1.71 -12.78
CA ALA A 228 7.31 -2.76 -13.47
C ALA A 228 6.69 -4.09 -13.11
N LYS A 229 7.04 -5.09 -13.95
CA LYS A 229 6.60 -6.42 -13.76
C LYS A 229 7.47 -7.13 -12.72
N THR A 230 6.84 -7.62 -11.69
CA THR A 230 7.56 -8.36 -10.72
C THR A 230 6.87 -9.69 -10.55
N THR A 231 7.41 -10.51 -9.68
CA THR A 231 6.75 -11.79 -9.52
C THR A 231 5.32 -11.74 -8.91
N ARG A 232 4.97 -10.71 -8.15
CA ARG A 232 3.68 -10.62 -7.52
C ARG A 232 2.65 -9.71 -8.25
N ASN A 233 3.13 -8.98 -9.27
CA ASN A 233 2.34 -8.03 -9.97
C ASN A 233 2.95 -7.54 -11.25
N ASN A 234 2.14 -7.71 -12.30
CA ASN A 234 2.52 -7.30 -13.64
C ASN A 234 2.70 -5.82 -13.75
N ASN A 235 2.06 -5.13 -12.82
CA ASN A 235 2.18 -3.70 -12.87
C ASN A 235 2.48 -3.16 -11.48
N SER A 236 3.59 -3.62 -10.91
CA SER A 236 3.94 -3.26 -9.52
C SER A 236 4.36 -1.83 -9.32
N SER A 237 3.86 -1.16 -8.29
CA SER A 237 4.31 0.23 -8.16
C SER A 237 5.60 0.12 -7.45
N ARG A 238 6.70 0.59 -8.02
CA ARG A 238 8.00 0.49 -7.32
C ARG A 238 8.32 1.81 -6.63
N PHE A 239 7.26 2.52 -6.27
CA PHE A 239 7.38 3.76 -5.52
C PHE A 239 6.13 3.94 -4.78
N GLY A 240 6.21 4.62 -3.65
CA GLY A 240 5.01 4.93 -2.88
C GLY A 240 4.53 6.36 -3.27
N LYS A 241 3.24 6.67 -3.02
CA LYS A 241 2.80 8.00 -3.39
C LYS A 241 1.63 8.51 -2.54
N PHE A 242 1.64 9.87 -2.43
CA PHE A 242 0.59 10.62 -1.73
C PHE A 242 0.05 11.62 -2.74
N ILE A 243 -1.18 11.40 -3.16
CA ILE A 243 -1.74 12.34 -4.17
C ILE A 243 -2.72 13.30 -3.49
N GLU A 244 -2.47 14.60 -3.63
CA GLU A 244 -3.38 15.52 -3.04
C GLU A 244 -4.34 16.00 -4.14
N ILE A 245 -5.64 15.69 -4.02
CA ILE A 245 -6.62 16.21 -4.98
C ILE A 245 -7.13 17.52 -4.36
N GLN A 246 -6.86 18.68 -5.05
CA GLN A 246 -7.22 20.05 -4.56
C GLN A 246 -8.56 20.57 -4.99
N PHE A 247 -9.31 21.18 -4.09
CA PHE A 247 -10.65 21.74 -4.44
C PHE A 247 -10.85 23.20 -4.04
N ASN A 248 -11.70 23.93 -4.78
CA ASN A 248 -11.98 25.33 -4.39
C ASN A 248 -13.11 25.33 -3.39
N ASN A 249 -13.51 26.46 -2.87
CA ASN A 249 -14.52 26.42 -1.83
C ASN A 249 -15.87 25.96 -2.29
N ALA A 250 -16.08 25.97 -3.60
CA ALA A 250 -17.41 25.52 -4.08
C ALA A 250 -17.49 24.00 -4.27
N GLY A 251 -16.34 23.34 -4.10
CA GLY A 251 -16.31 21.89 -4.21
C GLY A 251 -15.86 21.36 -5.56
N PHE A 252 -15.27 22.23 -6.35
CA PHE A 252 -14.72 21.89 -7.63
C PHE A 252 -13.20 21.63 -7.61
N ILE A 253 -12.77 20.66 -8.45
CA ILE A 253 -11.34 20.32 -8.54
C ILE A 253 -10.57 21.49 -8.96
N SER A 254 -9.64 21.93 -8.18
CA SER A 254 -8.92 23.06 -8.66
C SER A 254 -7.51 22.71 -8.90
N GLY A 255 -7.06 21.53 -8.52
CA GLY A 255 -5.64 21.29 -8.76
C GLY A 255 -5.23 19.92 -8.25
N ALA A 256 -3.92 19.69 -8.27
CA ALA A 256 -3.38 18.48 -7.70
C ALA A 256 -1.85 18.59 -7.54
N SER A 257 -1.38 17.72 -6.58
CA SER A 257 0.02 17.52 -6.20
C SER A 257 0.33 16.03 -5.94
N ILE A 258 1.55 15.65 -6.38
CA ILE A 258 2.02 14.30 -6.14
C ILE A 258 3.29 14.35 -5.33
N GLN A 259 3.36 13.51 -4.29
CA GLN A 259 4.59 13.30 -3.49
C GLN A 259 4.99 11.82 -3.72
N SER A 260 6.20 11.56 -4.21
CA SER A 260 6.69 10.19 -4.41
C SER A 260 7.74 9.82 -3.34
N TYR A 261 7.80 8.55 -2.97
CA TYR A 261 8.74 8.04 -2.00
C TYR A 261 9.39 6.70 -2.40
N LEU A 262 10.65 6.52 -1.91
CA LEU A 262 11.38 5.24 -2.02
C LEU A 262 11.31 4.55 -3.35
N LEU A 263 11.64 5.22 -4.41
CA LEU A 263 11.63 4.61 -5.68
C LEU A 263 12.75 3.57 -5.73
N GLU A 264 12.42 2.36 -6.23
CA GLU A 264 13.35 1.22 -6.35
C GLU A 264 14.42 1.41 -7.44
N LYS A 265 15.40 2.29 -7.13
CA LYS A 265 16.39 2.60 -8.10
C LYS A 265 17.21 1.40 -8.54
N SER A 266 17.34 0.40 -7.71
CA SER A 266 18.19 -0.68 -8.08
C SER A 266 17.65 -1.49 -9.21
N ARG A 267 16.36 -1.36 -9.45
CA ARG A 267 15.79 -2.16 -10.48
C ARG A 267 16.29 -1.78 -11.78
N VAL A 268 16.74 -0.59 -11.86
CA VAL A 268 17.22 -0.20 -13.15
C VAL A 268 18.42 -1.06 -13.53
N VAL A 269 19.25 -1.40 -12.58
CA VAL A 269 20.47 -2.15 -12.91
C VAL A 269 20.40 -3.68 -12.74
N PHE A 270 19.32 -4.13 -12.14
CA PHE A 270 19.15 -5.53 -11.87
C PHE A 270 17.73 -5.91 -11.58
N GLN A 271 17.32 -7.04 -12.15
CA GLN A 271 16.00 -7.60 -11.92
C GLN A 271 16.12 -9.10 -11.66
N SER A 272 15.34 -9.66 -10.75
CA SER A 272 15.32 -11.11 -10.53
C SER A 272 14.70 -11.90 -11.70
N GLU A 273 14.88 -13.22 -11.66
CA GLU A 273 14.37 -14.05 -12.76
C GLU A 273 12.88 -13.91 -12.89
N THR A 274 12.45 -13.65 -14.15
CA THR A 274 11.06 -13.46 -14.56
C THR A 274 10.55 -12.03 -14.48
N GLU A 275 11.21 -11.17 -13.71
CA GLU A 275 10.81 -9.79 -13.57
C GLU A 275 11.23 -8.93 -14.73
N ARG A 276 10.71 -7.69 -14.80
CA ARG A 276 11.20 -6.85 -15.88
C ARG A 276 11.74 -5.59 -15.23
N ASN A 277 12.49 -4.82 -16.01
CA ASN A 277 12.94 -3.49 -15.60
C ASN A 277 11.67 -2.55 -15.66
N TYR A 278 11.82 -1.23 -15.45
CA TYR A 278 10.66 -0.31 -15.55
C TYR A 278 10.03 -0.35 -16.97
N HIS A 279 8.69 -0.31 -17.04
CA HIS A 279 7.90 -0.32 -18.32
C HIS A 279 8.53 0.50 -19.43
N ILE A 280 8.90 1.71 -19.11
CA ILE A 280 9.45 2.61 -20.07
C ILE A 280 10.56 2.09 -20.93
N PHE A 281 11.42 1.25 -20.38
CA PHE A 281 12.53 0.81 -21.21
C PHE A 281 12.07 0.10 -22.45
N TYR A 282 11.10 -0.76 -22.16
CA TYR A 282 10.41 -1.58 -23.14
C TYR A 282 9.48 -0.77 -24.05
N GLN A 283 8.91 0.29 -23.51
CA GLN A 283 8.10 1.15 -24.30
C GLN A 283 8.95 1.90 -25.33
N LEU A 284 10.02 2.42 -24.87
CA LEU A 284 10.90 3.10 -25.76
C LEU A 284 11.35 2.19 -26.90
N LEU A 285 11.93 1.04 -26.55
CA LEU A 285 12.43 0.09 -27.52
C LEU A 285 11.42 -0.48 -28.50
N ALA A 286 10.20 -0.79 -28.02
CA ALA A 286 9.14 -1.33 -28.90
C ALA A 286 8.48 -0.30 -29.80
N GLY A 287 8.22 0.87 -29.23
CA GLY A 287 7.51 1.93 -29.91
C GLY A 287 8.27 3.09 -30.54
N ALA A 288 9.59 3.19 -30.33
CA ALA A 288 10.35 4.31 -30.92
C ALA A 288 10.19 4.31 -32.44
N THR A 289 10.20 5.46 -33.09
CA THR A 289 10.06 5.39 -34.52
C THR A 289 11.25 4.61 -35.00
N ALA A 290 11.16 4.02 -36.18
CA ALA A 290 12.32 3.31 -36.66
C ALA A 290 13.47 4.29 -36.84
N GLU A 291 13.13 5.58 -36.68
CA GLU A 291 14.05 6.71 -36.85
C GLU A 291 14.83 7.15 -35.63
N GLU A 292 14.14 7.21 -34.50
CA GLU A 292 14.77 7.61 -33.27
C GLU A 292 15.66 6.50 -32.84
N LYS A 293 15.20 5.32 -33.23
CA LYS A 293 15.94 4.16 -32.88
C LYS A 293 17.40 4.46 -33.18
N LYS A 294 17.57 4.99 -34.35
CA LYS A 294 18.89 5.36 -34.81
C LYS A 294 19.47 6.55 -34.10
N ALA A 295 18.71 7.62 -34.02
CA ALA A 295 19.23 8.83 -33.37
C ALA A 295 19.61 8.53 -31.97
N LEU A 296 18.98 7.50 -31.46
CA LEU A 296 19.18 7.08 -30.09
C LEU A 296 20.06 5.87 -30.00
N HIS A 297 20.34 5.24 -31.14
CA HIS A 297 21.21 4.09 -31.11
C HIS A 297 20.59 2.86 -30.50
N LEU A 298 19.34 2.75 -30.80
CA LEU A 298 18.61 1.66 -30.28
C LEU A 298 18.74 0.40 -31.09
N ALA A 299 18.45 -0.67 -30.36
CA ALA A 299 18.44 -2.05 -30.76
C ALA A 299 17.33 -2.70 -29.98
N GLY A 300 17.45 -3.99 -29.83
CA GLY A 300 16.45 -4.70 -29.08
C GLY A 300 16.95 -4.95 -27.67
N PRO A 301 15.97 -5.16 -26.81
CA PRO A 301 16.17 -5.47 -25.40
C PRO A 301 17.22 -6.55 -25.16
N GLU A 302 17.29 -7.45 -26.11
CA GLU A 302 18.20 -8.51 -25.90
C GLU A 302 19.58 -7.96 -26.04
N SER A 303 19.64 -6.86 -26.71
CA SER A 303 20.92 -6.24 -26.88
C SER A 303 21.35 -5.43 -25.68
N PHE A 304 20.66 -5.53 -24.55
CA PHE A 304 21.06 -4.63 -23.45
C PHE A 304 21.17 -5.32 -22.13
N ASN A 305 22.34 -5.21 -21.49
CA ASN A 305 22.51 -5.86 -20.22
C ASN A 305 21.42 -5.55 -19.18
N TYR A 306 20.94 -4.29 -19.17
CA TYR A 306 19.97 -3.91 -18.18
C TYR A 306 18.63 -4.47 -18.47
N LEU A 307 18.48 -5.11 -19.60
CA LEU A 307 17.16 -5.67 -19.89
C LEU A 307 17.26 -7.08 -20.34
N ASN A 308 18.43 -7.62 -20.29
CA ASN A 308 18.48 -8.92 -20.79
C ASN A 308 18.92 -9.87 -19.78
N GLN A 309 18.69 -9.56 -18.55
CA GLN A 309 19.10 -10.55 -17.64
C GLN A 309 18.01 -11.50 -17.12
N SER A 310 16.86 -10.95 -16.73
CA SER A 310 15.74 -11.71 -16.13
C SER A 310 15.15 -12.78 -17.02
N GLY A 311 15.34 -12.68 -18.33
CA GLY A 311 14.67 -13.68 -19.14
C GLY A 311 13.26 -13.28 -19.55
N CYS A 312 12.73 -12.28 -18.89
CA CYS A 312 11.42 -11.84 -19.29
C CYS A 312 11.53 -10.47 -19.88
N VAL A 313 11.07 -10.31 -21.09
CA VAL A 313 11.16 -8.97 -21.67
C VAL A 313 9.78 -8.48 -22.11
N ASP A 314 8.81 -9.34 -21.81
CA ASP A 314 7.41 -9.13 -22.10
C ASP A 314 6.38 -9.55 -21.06
N ILE A 315 5.24 -8.85 -21.16
CA ILE A 315 4.08 -9.06 -20.32
C ILE A 315 2.90 -9.40 -21.19
N LYS A 316 2.30 -10.53 -20.87
CA LYS A 316 1.17 -11.01 -21.62
C LYS A 316 0.00 -10.09 -21.46
N GLY A 317 -0.56 -9.78 -22.60
CA GLY A 317 -1.70 -8.95 -22.59
C GLY A 317 -1.30 -7.53 -22.67
N VAL A 318 0.01 -7.37 -22.97
CA VAL A 318 0.60 -6.07 -23.04
C VAL A 318 1.45 -5.76 -24.23
N SER A 319 1.04 -4.64 -24.85
CA SER A 319 1.72 -4.09 -26.02
C SER A 319 2.58 -2.92 -25.59
N ASP A 320 3.88 -3.18 -25.47
CA ASP A 320 4.74 -2.10 -25.02
C ASP A 320 4.64 -0.94 -25.97
N SER A 321 4.43 -1.26 -27.25
CA SER A 321 4.34 -0.25 -28.32
C SER A 321 3.13 0.63 -28.20
N GLU A 322 2.02 -0.01 -27.88
CA GLU A 322 0.79 0.72 -27.75
C GLU A 322 0.86 1.64 -26.52
N GLU A 323 1.35 1.03 -25.41
CA GLU A 323 1.54 1.70 -24.11
C GLU A 323 2.45 2.91 -24.28
N PHE A 324 3.45 2.75 -25.12
CA PHE A 324 4.33 3.88 -25.43
C PHE A 324 3.55 5.01 -26.07
N LYS A 325 2.56 4.64 -26.89
CA LYS A 325 1.72 5.59 -27.56
C LYS A 325 0.95 6.35 -26.50
N ILE A 326 0.40 5.54 -25.61
CA ILE A 326 -0.32 6.04 -24.46
C ILE A 326 0.49 7.06 -23.63
N THR A 327 1.70 6.67 -23.19
CA THR A 327 2.64 7.49 -22.43
C THR A 327 2.99 8.84 -23.05
N ARG A 328 3.43 8.81 -24.31
CA ARG A 328 3.77 10.05 -24.99
C ARG A 328 2.52 10.95 -25.09
N GLN A 329 1.37 10.28 -25.15
CA GLN A 329 0.09 10.92 -25.25
C GLN A 329 -0.16 11.67 -23.97
N ALA A 330 0.07 11.00 -22.88
CA ALA A 330 -0.04 11.63 -21.58
C ALA A 330 0.97 12.79 -21.49
N MET A 331 2.20 12.56 -21.97
CA MET A 331 3.17 13.63 -21.89
C MET A 331 2.68 14.92 -22.55
N ASP A 332 1.90 14.73 -23.62
CA ASP A 332 1.37 15.85 -24.36
C ASP A 332 0.29 16.61 -23.60
N ILE A 333 -0.62 15.85 -23.02
CA ILE A 333 -1.72 16.41 -22.25
C ILE A 333 -1.16 17.19 -21.09
N VAL A 334 -0.31 16.54 -20.32
CA VAL A 334 0.28 17.27 -19.24
C VAL A 334 1.03 18.49 -19.75
N GLY A 335 1.73 18.33 -20.87
CA GLY A 335 2.44 19.48 -21.41
C GLY A 335 3.94 19.36 -21.63
N PHE A 336 4.46 18.15 -21.78
CA PHE A 336 5.88 18.16 -21.98
C PHE A 336 6.16 18.44 -23.45
N SER A 337 7.04 19.38 -23.70
CA SER A 337 7.36 19.73 -25.06
C SER A 337 8.07 18.56 -25.75
N GLN A 338 7.96 18.49 -27.07
CA GLN A 338 8.61 17.39 -27.79
C GLN A 338 10.07 17.42 -27.46
N GLU A 339 10.49 18.63 -27.15
CA GLU A 339 11.82 18.95 -26.76
C GLU A 339 12.08 18.01 -25.60
N GLU A 340 11.39 18.36 -24.52
CA GLU A 340 11.45 17.69 -23.26
C GLU A 340 11.41 16.19 -23.41
N GLN A 341 10.50 15.75 -24.28
CA GLN A 341 10.31 14.37 -24.53
C GLN A 341 11.44 13.56 -25.19
N MET A 342 12.20 14.17 -26.09
CA MET A 342 13.29 13.44 -26.72
C MET A 342 14.33 13.17 -25.63
N SER A 343 14.57 14.26 -24.89
CA SER A 343 15.49 14.31 -23.76
C SER A 343 15.20 13.22 -22.71
N ILE A 344 13.93 13.12 -22.31
CA ILE A 344 13.54 12.05 -21.39
C ILE A 344 13.94 10.74 -22.02
N PHE A 345 13.60 10.60 -23.30
CA PHE A 345 13.87 9.40 -24.07
C PHE A 345 15.31 9.12 -24.21
N LYS A 346 16.05 10.20 -24.32
CA LYS A 346 17.49 10.10 -24.40
C LYS A 346 18.07 9.60 -23.12
N ILE A 347 17.56 10.13 -22.00
CA ILE A 347 18.09 9.73 -20.71
C ILE A 347 17.97 8.21 -20.59
N ILE A 348 16.81 7.81 -20.99
CA ILE A 348 16.47 6.45 -20.98
C ILE A 348 17.46 5.72 -21.85
N ALA A 349 17.65 6.21 -23.08
CA ALA A 349 18.59 5.55 -23.98
C ALA A 349 19.96 5.41 -23.40
N GLY A 350 20.40 6.56 -22.86
CA GLY A 350 21.72 6.65 -22.22
C GLY A 350 21.92 5.57 -21.17
N ILE A 351 20.94 5.51 -20.28
CA ILE A 351 20.99 4.53 -19.20
C ILE A 351 21.34 3.16 -19.78
N LEU A 352 20.53 2.74 -20.74
CA LEU A 352 20.71 1.49 -21.42
C LEU A 352 22.16 1.31 -21.91
N HIS A 353 22.70 2.38 -22.54
CA HIS A 353 24.08 2.33 -23.04
C HIS A 353 25.04 2.16 -21.91
N LEU A 354 24.87 2.99 -20.85
CA LEU A 354 25.77 2.91 -19.69
C LEU A 354 25.78 1.50 -19.17
N GLY A 355 24.70 0.81 -19.45
CA GLY A 355 24.59 -0.54 -18.95
C GLY A 355 25.41 -1.52 -19.77
N ASN A 356 25.65 -1.17 -20.99
CA ASN A 356 26.36 -2.07 -21.85
C ASN A 356 27.83 -1.87 -21.89
N ILE A 357 28.33 -0.91 -21.13
CA ILE A 357 29.75 -0.64 -21.04
C ILE A 357 30.45 -1.76 -20.30
N LYS A 358 31.38 -2.49 -20.95
CA LYS A 358 32.13 -3.55 -20.28
C LYS A 358 33.48 -3.06 -19.78
N PHE A 359 33.71 -3.22 -18.48
CA PHE A 359 34.98 -2.87 -17.90
C PHE A 359 35.81 -4.14 -18.00
N GLU A 360 37.08 -3.99 -18.33
CA GLU A 360 37.98 -5.11 -18.44
C GLU A 360 39.19 -4.98 -17.51
N LYS A 361 40.02 -6.04 -17.51
CA LYS A 361 41.30 -6.09 -16.77
C LYS A 361 42.41 -5.64 -17.74
N GLY A 362 42.87 -4.43 -17.62
CA GLY A 362 43.87 -4.01 -18.57
C GLY A 362 45.22 -4.70 -18.42
N ALA A 363 46.15 -3.92 -17.91
CA ALA A 363 47.49 -4.34 -17.72
C ALA A 363 47.76 -4.86 -16.34
N GLY A 364 47.13 -4.29 -15.32
CA GLY A 364 47.47 -4.83 -14.01
C GLY A 364 46.31 -5.19 -13.10
N GLU A 365 45.88 -4.13 -12.38
CA GLU A 365 44.81 -4.17 -11.40
C GLU A 365 43.67 -3.20 -11.66
N GLY A 366 43.94 -2.22 -12.54
CA GLY A 366 43.01 -1.14 -12.88
C GLY A 366 42.14 -1.32 -14.13
N ALA A 367 40.98 -0.68 -14.06
CA ALA A 367 40.03 -0.77 -15.12
C ALA A 367 40.39 -0.06 -16.38
N VAL A 368 40.04 -0.74 -17.48
CA VAL A 368 40.20 -0.22 -18.82
C VAL A 368 38.97 -0.44 -19.71
N LEU A 369 38.93 0.30 -20.81
CA LEU A 369 37.84 0.26 -21.77
C LEU A 369 38.29 0.03 -23.23
N LYS A 370 38.56 -1.21 -23.59
CA LYS A 370 38.97 -1.54 -24.95
C LYS A 370 38.02 -0.97 -26.03
N ASP A 371 36.72 -1.24 -25.87
CA ASP A 371 35.68 -0.73 -26.74
C ASP A 371 35.15 0.57 -26.15
N LYS A 372 34.72 1.45 -27.00
CA LYS A 372 34.22 2.69 -26.54
C LYS A 372 32.84 2.94 -27.11
N THR A 373 32.41 1.96 -27.85
CA THR A 373 31.14 2.05 -28.48
C THR A 373 30.07 2.49 -27.53
N ALA A 374 29.75 1.63 -26.57
CA ALA A 374 28.67 1.95 -25.65
C ALA A 374 28.91 3.25 -25.00
N LEU A 375 30.18 3.43 -24.70
CA LEU A 375 30.54 4.69 -24.11
C LEU A 375 30.13 5.92 -24.92
N ASN A 376 30.50 5.97 -26.20
CA ASN A 376 30.13 7.15 -26.97
C ASN A 376 28.66 7.26 -27.22
N ALA A 377 28.00 6.11 -27.25
CA ALA A 377 26.55 6.09 -27.45
C ALA A 377 25.93 6.79 -26.25
N ALA A 378 26.46 6.41 -25.09
CA ALA A 378 26.01 7.02 -23.87
C ALA A 378 26.21 8.53 -23.97
N SER A 379 27.47 8.98 -24.00
CA SER A 379 27.80 10.42 -24.10
C SER A 379 26.93 11.21 -25.06
N THR A 380 26.81 10.64 -26.24
CA THR A 380 26.05 11.23 -27.33
C THR A 380 24.70 11.64 -26.85
N VAL A 381 23.98 10.64 -26.38
CA VAL A 381 22.63 10.80 -25.94
C VAL A 381 22.46 11.81 -24.82
N PHE A 382 23.42 11.84 -23.85
CA PHE A 382 23.39 12.72 -22.67
C PHE A 382 23.91 14.07 -23.00
N GLY A 383 24.80 14.04 -24.01
CA GLY A 383 25.39 15.26 -24.47
C GLY A 383 26.45 15.71 -23.51
N VAL A 384 27.29 14.70 -23.14
CA VAL A 384 28.46 14.82 -22.27
C VAL A 384 29.73 14.47 -23.05
N ASN A 385 30.89 14.77 -22.44
CA ASN A 385 32.21 14.51 -23.00
C ASN A 385 32.75 13.15 -22.58
N PRO A 386 32.75 12.26 -23.55
CA PRO A 386 33.15 10.89 -23.43
C PRO A 386 34.47 10.71 -22.78
N SER A 387 35.38 11.64 -22.99
CA SER A 387 36.65 11.40 -22.34
C SER A 387 36.55 11.66 -20.83
N VAL A 388 35.69 12.65 -20.54
CA VAL A 388 35.40 13.06 -19.19
C VAL A 388 34.72 11.92 -18.50
N LEU A 389 33.66 11.45 -19.14
CA LEU A 389 32.94 10.31 -18.59
C LEU A 389 33.91 9.18 -18.22
N GLU A 390 34.63 8.72 -19.24
CA GLU A 390 35.61 7.68 -19.14
C GLU A 390 36.49 7.95 -17.91
N LYS A 391 37.01 9.15 -17.84
CA LYS A 391 37.84 9.38 -16.70
C LYS A 391 37.08 9.29 -15.44
N ALA A 392 35.97 10.03 -15.47
CA ALA A 392 35.11 10.09 -14.30
C ALA A 392 34.72 8.73 -13.78
N LEU A 393 34.61 7.75 -14.69
CA LEU A 393 34.22 6.40 -14.37
C LEU A 393 35.32 5.56 -13.75
N MET A 394 36.53 5.62 -14.34
CA MET A 394 37.63 4.78 -13.87
C MET A 394 38.70 5.51 -13.16
N GLU A 395 38.71 6.80 -13.38
CA GLU A 395 39.74 7.56 -12.75
C GLU A 395 39.26 8.74 -11.95
N PRO A 396 38.32 8.49 -11.03
CA PRO A 396 37.80 9.56 -10.21
C PRO A 396 38.84 10.17 -9.27
N ARG A 397 38.93 11.51 -9.23
CA ARG A 397 39.83 12.17 -8.29
C ARG A 397 39.21 12.12 -6.88
N ILE A 398 39.99 11.64 -5.90
CA ILE A 398 39.52 11.51 -4.51
C ILE A 398 40.41 12.29 -3.55
N LEU A 399 39.78 13.07 -2.65
CA LEU A 399 40.45 13.81 -1.60
C LEU A 399 41.03 12.88 -0.54
N ALA A 400 42.31 13.13 -0.25
CA ALA A 400 43.13 12.42 0.72
C ALA A 400 44.03 13.39 1.49
N GLY A 401 43.40 14.35 2.10
CA GLY A 401 44.13 15.32 2.87
C GLY A 401 43.80 16.68 2.30
N ARG A 402 44.80 17.25 1.63
CA ARG A 402 44.67 18.50 0.93
C ARG A 402 44.78 18.08 -0.54
N ASP A 403 45.16 16.82 -0.68
CA ASP A 403 45.36 16.16 -1.94
C ASP A 403 44.07 15.72 -2.60
N LEU A 404 44.05 15.94 -3.91
CA LEU A 404 43.00 15.60 -4.83
C LEU A 404 43.67 14.73 -5.90
N VAL A 405 43.52 13.43 -5.77
CA VAL A 405 44.18 12.46 -6.64
C VAL A 405 43.27 11.52 -7.41
N ALA A 406 43.56 11.40 -8.66
CA ALA A 406 42.83 10.48 -9.48
C ALA A 406 43.08 9.04 -9.02
N GLN A 407 42.05 8.23 -9.01
CA GLN A 407 42.21 6.85 -8.62
C GLN A 407 41.64 5.94 -9.66
N HIS A 408 42.49 5.04 -10.00
CA HIS A 408 42.16 4.11 -11.00
C HIS A 408 41.45 2.94 -10.41
N LEU A 409 40.17 2.90 -10.70
CA LEU A 409 39.38 1.85 -10.16
C LEU A 409 39.49 0.60 -10.96
N ASN A 410 39.36 -0.50 -10.21
CA ASN A 410 39.37 -1.80 -10.83
C ASN A 410 38.03 -1.98 -11.48
N VAL A 411 37.90 -3.11 -12.18
CA VAL A 411 36.71 -3.52 -12.93
C VAL A 411 35.42 -3.39 -12.11
N GLU A 412 35.44 -4.08 -11.01
CA GLU A 412 34.33 -4.11 -10.12
C GLU A 412 33.91 -2.68 -9.74
N LYS A 413 34.79 -2.01 -9.01
CA LYS A 413 34.56 -0.66 -8.53
C LYS A 413 34.09 0.24 -9.65
N SER A 414 34.66 0.02 -10.77
CA SER A 414 34.27 0.87 -11.84
C SER A 414 32.82 0.59 -12.19
N SER A 415 32.51 -0.66 -12.17
CA SER A 415 31.20 -1.08 -12.56
C SER A 415 30.11 -0.52 -11.67
N SER A 416 30.33 -0.70 -10.34
CA SER A 416 29.46 -0.19 -9.31
C SER A 416 29.28 1.33 -9.47
N SER A 417 30.38 2.01 -9.67
CA SER A 417 30.31 3.42 -9.87
C SER A 417 29.38 3.75 -11.03
N ARG A 418 29.56 2.99 -12.10
CA ARG A 418 28.77 3.07 -13.29
C ARG A 418 27.29 2.93 -12.93
N ASP A 419 27.05 1.93 -12.07
CA ASP A 419 25.73 1.64 -11.60
C ASP A 419 25.20 2.78 -10.81
N ALA A 420 26.07 3.40 -10.02
CA ALA A 420 25.66 4.56 -9.22
C ALA A 420 25.15 5.69 -10.10
N LEU A 421 25.81 5.88 -11.26
CA LEU A 421 25.43 6.92 -12.17
C LEU A 421 24.01 6.74 -12.75
N VAL A 422 23.78 5.55 -13.24
CA VAL A 422 22.52 5.13 -13.79
C VAL A 422 21.46 5.40 -12.72
N LYS A 423 21.68 4.93 -11.48
CA LYS A 423 20.71 5.10 -10.43
C LYS A 423 20.40 6.54 -10.12
N ALA A 424 21.45 7.37 -10.14
CA ALA A 424 21.25 8.80 -9.91
C ALA A 424 20.46 9.41 -11.06
N LEU A 425 20.87 9.01 -12.26
CA LEU A 425 20.19 9.51 -13.42
C LEU A 425 18.73 9.20 -13.36
N TYR A 426 18.41 7.95 -13.00
CA TYR A 426 17.04 7.46 -12.93
C TYR A 426 16.22 8.11 -11.83
N GLY A 427 16.77 8.08 -10.67
CA GLY A 427 15.99 8.67 -9.60
C GLY A 427 15.76 10.16 -9.77
N ARG A 428 16.80 10.84 -10.31
CA ARG A 428 16.70 12.28 -10.50
C ARG A 428 15.65 12.65 -11.56
N LEU A 429 15.69 11.89 -12.63
CA LEU A 429 14.76 12.04 -13.71
C LEU A 429 13.36 11.85 -13.14
N PHE A 430 13.20 10.88 -12.25
CA PHE A 430 11.90 10.61 -11.68
C PHE A 430 11.43 11.80 -10.87
N LEU A 431 12.37 12.34 -10.14
CA LEU A 431 12.04 13.49 -9.30
C LEU A 431 11.58 14.65 -10.17
N TRP A 432 12.37 14.92 -11.20
CA TRP A 432 12.10 15.97 -12.17
C TRP A 432 10.72 15.77 -12.83
N LEU A 433 10.38 14.53 -13.21
CA LEU A 433 9.08 14.25 -13.81
C LEU A 433 8.01 14.68 -12.86
N VAL A 434 8.18 14.31 -11.60
CA VAL A 434 7.20 14.65 -10.58
C VAL A 434 7.08 16.17 -10.37
N LYS A 435 8.23 16.87 -10.37
CA LYS A 435 8.17 18.36 -10.18
C LYS A 435 7.47 19.08 -11.34
N LYS A 436 7.81 18.65 -12.50
CA LYS A 436 7.21 19.16 -13.69
C LYS A 436 5.71 18.96 -13.65
N ILE A 437 5.28 17.73 -13.38
CA ILE A 437 3.83 17.45 -13.35
C ILE A 437 3.15 18.34 -12.33
N ASN A 438 3.79 18.48 -11.22
CA ASN A 438 3.25 19.30 -10.19
C ASN A 438 3.04 20.74 -10.63
N ASN A 439 4.00 21.34 -11.34
CA ASN A 439 3.73 22.75 -11.68
C ASN A 439 2.54 22.99 -12.57
N VAL A 440 2.30 21.98 -13.37
CA VAL A 440 1.21 22.04 -14.22
C VAL A 440 -0.01 21.89 -13.37
N LEU A 441 0.00 20.90 -12.50
CA LEU A 441 -1.20 20.62 -11.75
C LEU A 441 -1.42 21.38 -10.48
N CYS A 442 -0.35 21.54 -9.74
CA CYS A 442 -0.48 22.10 -8.43
C CYS A 442 -0.92 23.52 -8.30
N GLN A 443 -1.81 23.70 -7.31
CA GLN A 443 -2.41 24.95 -6.92
C GLN A 443 -1.93 25.44 -5.55
N GLU A 444 -1.33 26.63 -5.62
CA GLU A 444 -0.82 27.40 -4.51
C GLU A 444 -2.00 27.69 -3.59
N ARG A 445 -2.93 28.42 -4.21
CA ARG A 445 -4.15 28.82 -3.60
C ARG A 445 -5.24 27.77 -3.61
N LYS A 446 -5.11 26.67 -2.87
CA LYS A 446 -6.24 25.74 -2.86
C LYS A 446 -7.05 25.99 -1.60
N ALA A 447 -8.33 25.56 -1.63
CA ALA A 447 -9.18 25.74 -0.43
C ALA A 447 -9.16 24.54 0.49
N TYR A 448 -9.38 23.37 -0.12
CA TYR A 448 -9.44 22.13 0.64
C TYR A 448 -8.74 21.07 -0.13
N PHE A 449 -8.56 19.91 0.48
CA PHE A 449 -7.98 18.81 -0.29
C PHE A 449 -8.38 17.46 0.25
N ILE A 450 -8.27 16.47 -0.65
CA ILE A 450 -8.55 15.07 -0.33
C ILE A 450 -7.26 14.34 -0.73
N GLY A 451 -6.47 13.80 0.19
CA GLY A 451 -5.22 13.23 -0.27
C GLY A 451 -5.33 11.69 -0.27
N VAL A 452 -4.69 11.10 -1.21
CA VAL A 452 -4.73 9.63 -1.25
C VAL A 452 -3.26 9.07 -1.22
N LEU A 453 -3.05 8.17 -0.21
CA LEU A 453 -1.73 7.60 -0.02
C LEU A 453 -1.75 6.19 -0.64
N ASP A 454 -0.95 5.91 -1.64
CA ASP A 454 -1.01 4.54 -2.15
C ASP A 454 0.36 3.96 -1.89
N ILE A 455 0.53 3.19 -0.81
CA ILE A 455 1.85 2.66 -0.50
C ILE A 455 1.71 1.25 0.08
N SER A 456 2.78 0.47 0.10
CA SER A 456 2.62 -0.84 0.76
C SER A 456 2.37 -0.79 2.22
N GLY A 457 1.80 -1.87 2.72
CA GLY A 457 1.57 -2.12 4.12
C GLY A 457 2.91 -2.74 4.57
N PHE A 458 2.90 -3.39 5.72
CA PHE A 458 4.13 -3.97 6.25
C PHE A 458 4.71 -4.97 5.24
N GLU A 459 6.03 -5.02 5.14
CA GLU A 459 6.76 -5.91 4.28
C GLU A 459 7.57 -6.97 5.08
N ILE A 460 7.18 -8.23 5.08
CA ILE A 460 8.03 -9.27 5.69
C ILE A 460 8.48 -10.25 4.61
N PHE A 461 9.62 -10.04 3.97
CA PHE A 461 10.09 -10.88 2.88
C PHE A 461 11.10 -11.87 3.36
N LYS A 462 11.61 -12.65 2.42
CA LYS A 462 12.61 -13.67 2.71
C LYS A 462 13.85 -12.97 3.16
N VAL A 463 14.09 -11.84 2.54
CA VAL A 463 15.22 -11.04 2.90
C VAL A 463 14.77 -9.60 3.14
N ASN A 464 15.00 -9.04 4.31
CA ASN A 464 14.63 -7.66 4.56
C ASN A 464 15.84 -6.77 4.72
N SER A 465 15.91 -5.68 3.94
CA SER A 465 16.97 -4.72 3.92
C SER A 465 16.45 -3.34 4.36
N PHE A 466 17.30 -2.33 4.11
CA PHE A 466 17.08 -0.94 4.50
C PHE A 466 15.75 -0.41 4.06
N GLU A 467 15.37 -0.66 2.79
CA GLU A 467 14.03 -0.23 2.23
C GLU A 467 12.91 -0.86 2.94
N GLN A 468 13.10 -2.16 3.35
CA GLN A 468 12.06 -2.78 4.17
C GLN A 468 11.87 -2.08 5.55
N LEU A 469 12.97 -1.75 6.21
CA LEU A 469 12.89 -1.06 7.48
C LEU A 469 12.16 0.30 7.29
N CYS A 470 12.49 1.01 6.22
CA CYS A 470 11.87 2.28 5.94
C CYS A 470 10.33 2.10 5.88
N ILE A 471 9.92 1.22 5.04
CA ILE A 471 8.49 0.99 4.86
C ILE A 471 7.78 0.54 6.09
N ASN A 472 8.48 -0.30 6.89
CA ASN A 472 7.91 -0.85 8.10
C ASN A 472 7.79 0.25 9.15
N TYR A 473 8.75 1.14 9.11
CA TYR A 473 8.82 2.31 10.00
C TYR A 473 7.56 3.19 9.66
N THR A 474 7.40 3.51 8.38
CA THR A 474 6.17 4.27 7.99
C THR A 474 4.90 3.57 8.50
N ASN A 475 4.87 2.21 8.28
CA ASN A 475 3.70 1.45 8.72
C ASN A 475 3.43 1.49 10.20
N GLU A 476 4.52 1.59 11.04
CA GLU A 476 4.27 1.62 12.47
C GLU A 476 3.55 2.94 12.76
N LYS A 477 4.05 3.98 12.07
CA LYS A 477 3.41 5.30 12.31
C LYS A 477 1.90 5.35 11.87
N LEU A 478 1.63 4.79 10.68
CA LEU A 478 0.24 4.77 10.18
C LEU A 478 -0.60 3.92 11.09
N GLN A 479 -0.06 2.78 11.55
CA GLN A 479 -0.87 1.94 12.42
C GLN A 479 -1.15 2.66 13.73
N GLN A 480 -0.17 3.34 14.27
CA GLN A 480 -0.44 4.06 15.53
C GLN A 480 -1.49 5.25 15.26
N PHE A 481 -1.34 5.92 14.10
CA PHE A 481 -2.29 6.95 13.72
C PHE A 481 -3.70 6.38 13.73
N PHE A 482 -3.86 5.19 13.16
CA PHE A 482 -5.15 4.49 13.15
C PHE A 482 -5.68 4.24 14.53
N ASN A 483 -4.87 3.59 15.34
CA ASN A 483 -5.30 3.27 16.66
C ASN A 483 -5.61 4.55 17.45
N HIS A 484 -4.81 5.58 17.24
CA HIS A 484 -5.09 6.79 17.92
C HIS A 484 -6.44 7.38 17.48
N HIS A 485 -6.66 7.35 16.19
CA HIS A 485 -7.90 7.80 15.63
C HIS A 485 -9.06 7.04 16.18
N MET A 486 -8.91 5.77 16.25
CA MET A 486 -10.00 4.93 16.70
C MET A 486 -10.33 5.15 18.14
N PHE A 487 -9.30 5.57 18.86
CA PHE A 487 -9.44 5.91 20.26
C PHE A 487 -10.23 7.24 20.45
N LYS A 488 -10.73 7.88 19.39
CA LYS A 488 -11.51 9.13 19.49
C LYS A 488 -12.91 8.83 18.99
N LEU A 489 -12.94 8.35 17.75
CA LEU A 489 -14.15 7.90 17.06
C LEU A 489 -14.98 6.98 17.91
N GLU A 490 -14.29 6.03 18.54
CA GLU A 490 -14.99 5.14 19.39
C GLU A 490 -15.54 5.91 20.57
N GLN A 491 -14.67 6.75 21.19
CA GLN A 491 -15.08 7.54 22.36
C GLN A 491 -16.38 8.33 22.14
N GLU A 492 -16.40 9.10 21.05
CA GLU A 492 -17.52 9.99 20.80
C GLU A 492 -18.83 9.39 20.36
N GLU A 493 -19.10 8.21 20.92
CA GLU A 493 -20.34 7.48 20.70
C GLU A 493 -21.50 8.48 20.81
N TYR A 494 -21.47 9.26 21.92
CA TYR A 494 -22.39 10.35 22.33
C TYR A 494 -22.44 10.42 23.84
N ILE A 504 -8.13 4.38 27.28
CA ILE A 504 -7.07 3.52 26.77
C ILE A 504 -6.66 3.81 25.34
N ASP A 505 -5.56 4.53 25.15
CA ASP A 505 -5.12 4.77 23.78
C ASP A 505 -4.05 3.74 23.37
N PHE A 506 -4.45 2.80 22.53
CA PHE A 506 -3.51 1.76 22.09
C PHE A 506 -2.26 2.24 21.32
N GLY A 507 -2.32 3.43 20.68
CA GLY A 507 -1.20 4.02 19.93
C GLY A 507 0.02 4.22 20.82
N LEU A 508 -0.22 4.08 22.12
CA LEU A 508 0.82 4.23 23.12
C LEU A 508 1.77 3.11 22.93
N ASP A 509 1.14 1.99 22.53
CA ASP A 509 1.71 0.69 22.18
C ASP A 509 2.81 0.63 21.11
N SER A 510 2.72 1.45 20.05
CA SER A 510 3.77 1.45 19.01
C SER A 510 4.92 2.33 19.33
N GLN A 511 4.84 3.04 20.47
CA GLN A 511 5.90 3.98 20.68
C GLN A 511 7.33 3.43 20.77
N ALA A 512 7.41 2.31 21.48
CA ALA A 512 8.74 1.65 21.74
C ALA A 512 9.38 1.21 20.48
N THR A 513 8.56 0.64 19.55
CA THR A 513 9.18 0.19 18.29
C THR A 513 9.62 1.38 17.55
N ILE A 514 8.69 2.37 17.54
CA ILE A 514 8.98 3.61 16.82
C ILE A 514 10.29 4.21 17.33
N ASP A 515 10.35 4.32 18.65
CA ASP A 515 11.59 4.92 19.20
C ASP A 515 12.86 4.15 18.91
N LEU A 516 12.71 2.82 18.88
CA LEU A 516 13.88 1.94 18.57
C LEU A 516 14.46 2.28 17.20
N ILE A 517 13.52 2.62 16.29
CA ILE A 517 13.96 3.00 14.96
C ILE A 517 14.51 4.37 14.86
N ASP A 518 13.65 5.33 15.29
CA ASP A 518 14.02 6.70 15.08
C ASP A 518 14.57 7.60 16.22
N GLY A 519 14.63 7.07 17.40
CA GLY A 519 15.09 7.78 18.60
C GLY A 519 16.39 8.54 18.42
N ARG A 520 16.45 9.67 19.13
CA ARG A 520 17.65 10.51 19.11
C ARG A 520 18.57 10.26 20.38
N GLN A 521 18.00 10.20 21.56
CA GLN A 521 18.68 9.99 22.79
C GLN A 521 17.78 9.24 23.72
N PRO A 522 18.16 7.99 24.05
CA PRO A 522 19.27 7.31 23.48
C PRO A 522 19.01 7.15 21.95
N PRO A 523 20.03 7.00 21.21
CA PRO A 523 19.90 6.87 19.75
C PRO A 523 19.27 5.54 19.33
N GLY A 524 18.45 5.55 18.26
CA GLY A 524 17.81 4.36 17.80
C GLY A 524 18.54 3.85 16.62
N ILE A 525 17.99 2.92 15.91
CA ILE A 525 18.79 2.39 14.75
C ILE A 525 19.25 3.40 13.71
N LEU A 526 18.31 4.26 13.24
CA LEU A 526 18.72 5.21 12.20
C LEU A 526 19.89 6.20 12.65
N ALA A 527 19.80 6.68 13.91
CA ALA A 527 20.84 7.61 14.45
C ALA A 527 22.20 6.91 14.48
N LEU A 528 22.18 5.64 14.88
CA LEU A 528 23.46 4.88 14.90
C LEU A 528 23.99 4.68 13.49
N LEU A 529 23.06 4.42 12.55
CA LEU A 529 23.39 4.28 11.12
C LEU A 529 24.01 5.58 10.64
N ASP A 530 23.30 6.70 10.93
CA ASP A 530 23.87 8.00 10.54
C ASP A 530 25.26 8.21 11.14
N GLU A 531 25.39 7.87 12.44
CA GLU A 531 26.69 8.04 13.08
C GLU A 531 27.76 7.26 12.36
N GLN A 532 27.47 6.00 12.12
CA GLN A 532 28.44 5.20 11.39
C GLN A 532 28.77 5.77 10.02
N SER A 533 27.79 6.45 9.42
CA SER A 533 28.01 6.92 8.06
C SER A 533 29.08 7.99 7.90
N VAL A 534 29.45 8.64 8.96
CA VAL A 534 30.47 9.67 8.80
C VAL A 534 31.88 9.15 8.57
N PHE A 535 32.09 7.93 9.05
CA PHE A 535 33.37 7.26 8.97
C PHE A 535 33.48 6.45 7.72
N PRO A 536 34.34 6.90 6.84
CA PRO A 536 34.61 6.31 5.53
C PRO A 536 35.00 4.83 5.54
N ASN A 537 35.72 4.46 6.61
CA ASN A 537 36.21 3.11 6.76
C ASN A 537 35.26 2.26 7.57
N ALA A 538 34.03 2.74 7.80
CA ALA A 538 33.12 1.89 8.55
C ALA A 538 32.61 0.77 7.68
N THR A 539 32.16 -0.30 8.36
CA THR A 539 31.69 -1.42 7.63
C THR A 539 30.36 -1.91 8.15
N ASP A 540 29.80 -2.81 7.35
CA ASP A 540 28.59 -3.52 7.73
C ASP A 540 28.78 -4.11 9.15
N ASN A 541 29.98 -4.70 9.40
CA ASN A 541 30.28 -5.34 10.68
C ASN A 541 30.30 -4.41 11.92
N THR A 542 30.92 -3.27 11.69
CA THR A 542 31.07 -2.20 12.65
C THR A 542 29.70 -1.78 12.98
N LEU A 543 28.95 -1.60 11.94
CA LEU A 543 27.55 -1.19 12.10
C LEU A 543 26.72 -2.15 12.89
N ILE A 544 26.64 -3.38 12.39
CA ILE A 544 25.82 -4.33 13.13
C ILE A 544 26.28 -4.52 14.55
N THR A 545 27.60 -4.49 14.71
CA THR A 545 28.13 -4.69 16.07
C THR A 545 27.62 -3.53 16.95
N LYS A 546 27.64 -2.32 16.38
CA LYS A 546 27.15 -1.16 17.16
C LYS A 546 25.72 -1.31 17.55
N LEU A 547 24.94 -1.83 16.58
CA LEU A 547 23.53 -2.05 16.85
C LEU A 547 23.34 -3.02 17.96
N HIS A 548 24.01 -4.19 17.90
CA HIS A 548 23.86 -5.17 18.99
C HIS A 548 24.35 -4.59 20.40
N SER A 549 25.48 -3.87 20.39
CA SER A 549 25.99 -3.27 21.62
C SER A 549 24.91 -2.39 22.34
N HIS A 550 24.18 -1.65 21.54
CA HIS A 550 23.21 -0.82 22.19
C HIS A 550 21.96 -1.50 22.42
N PHE A 551 21.56 -2.52 21.64
CA PHE A 551 20.21 -3.01 21.89
C PHE A 551 20.09 -4.44 22.23
N SER A 552 21.11 -5.26 22.04
CA SER A 552 20.95 -6.73 22.38
C SER A 552 20.73 -7.01 23.90
N LYS A 553 19.55 -7.56 24.28
CA LYS A 553 19.12 -7.80 25.66
C LYS A 553 18.90 -6.48 26.35
N LYS A 554 18.99 -5.42 25.61
CA LYS A 554 18.88 -4.12 26.23
C LYS A 554 17.57 -3.44 25.83
N ASN A 555 17.05 -3.67 24.63
CA ASN A 555 15.77 -3.06 24.20
C ASN A 555 14.87 -4.19 23.93
N ALA A 556 13.78 -4.26 24.63
CA ALA A 556 12.83 -5.34 24.46
C ALA A 556 12.25 -5.58 23.05
N LYS A 557 12.38 -4.63 22.12
CA LYS A 557 11.80 -4.81 20.79
C LYS A 557 12.83 -5.31 19.83
N TYR A 558 14.08 -5.50 20.31
CA TYR A 558 15.22 -5.90 19.47
C TYR A 558 15.66 -7.32 19.75
N GLU A 559 16.22 -7.97 18.76
CA GLU A 559 16.74 -9.26 19.01
C GLU A 559 18.00 -9.47 18.23
N GLU A 560 19.07 -9.85 18.96
CA GLU A 560 20.32 -10.20 18.24
C GLU A 560 20.21 -11.72 17.89
N PRO A 561 20.42 -12.14 16.64
CA PRO A 561 20.26 -13.54 16.29
C PRO A 561 21.18 -14.54 17.01
N ARG A 562 20.71 -15.80 17.13
CA ARG A 562 21.52 -16.88 17.74
C ARG A 562 22.80 -17.10 16.96
N PHE A 563 22.74 -17.17 15.64
CA PHE A 563 24.00 -17.38 14.90
C PHE A 563 24.39 -16.32 13.87
N SER A 564 23.38 -15.78 13.13
CA SER A 564 23.71 -14.86 12.05
C SER A 564 24.52 -13.72 12.58
N LYS A 565 25.48 -13.25 11.81
CA LYS A 565 26.29 -12.14 12.24
C LYS A 565 25.90 -10.92 11.42
N THR A 566 24.91 -11.04 10.55
CA THR A 566 24.59 -9.95 9.64
C THR A 566 23.11 -9.45 9.69
N GLU A 567 22.35 -10.00 10.60
CA GLU A 567 20.95 -9.66 10.70
C GLU A 567 20.61 -9.25 12.10
N PHE A 568 19.44 -8.65 12.27
CA PHE A 568 18.95 -8.26 13.60
C PHE A 568 17.48 -8.24 13.48
N GLY A 569 16.82 -8.47 14.55
CA GLY A 569 15.38 -8.54 14.55
C GLY A 569 14.69 -7.34 15.23
N VAL A 570 13.58 -6.89 14.67
CA VAL A 570 12.74 -5.82 15.21
C VAL A 570 11.34 -6.32 15.40
N THR A 571 10.83 -6.18 16.62
CA THR A 571 9.48 -6.62 16.85
C THR A 571 8.51 -5.55 16.43
N HIS A 572 7.92 -5.75 15.27
CA HIS A 572 6.99 -4.82 14.75
C HIS A 572 5.55 -5.06 15.14
N TYR A 573 4.69 -4.14 14.76
CA TYR A 573 3.31 -4.31 15.14
C TYR A 573 2.78 -5.68 14.59
N ALA A 574 3.13 -5.90 13.37
CA ALA A 574 2.76 -7.08 12.64
C ALA A 574 3.65 -8.25 12.97
N GLY A 575 4.55 -8.11 13.94
CA GLY A 575 5.40 -9.22 14.31
C GLY A 575 6.88 -9.00 14.09
N GLN A 576 7.71 -10.01 14.38
CA GLN A 576 9.14 -9.81 14.16
C GLN A 576 9.60 -9.78 12.70
N VAL A 577 10.53 -8.88 12.34
CA VAL A 577 11.06 -8.86 11.03
C VAL A 577 12.54 -8.93 11.19
N MET A 578 13.20 -9.80 10.46
CA MET A 578 14.65 -9.96 10.54
C MET A 578 15.23 -9.20 9.37
N TYR A 579 16.20 -8.33 9.66
CA TYR A 579 16.83 -7.53 8.64
C TYR A 579 18.25 -7.90 8.55
N GLU A 580 18.78 -7.75 7.35
CA GLU A 580 20.17 -7.96 7.00
C GLU A 580 20.78 -6.59 6.74
N ILE A 581 22.03 -6.41 7.21
CA ILE A 581 22.74 -5.11 7.20
C ILE A 581 23.59 -4.79 6.02
N GLN A 582 23.76 -5.75 5.18
CA GLN A 582 24.62 -5.44 4.11
C GLN A 582 24.27 -4.25 3.29
N ASP A 583 25.32 -3.50 2.96
CA ASP A 583 25.26 -2.27 2.14
C ASP A 583 24.51 -1.08 2.79
N TRP A 584 24.05 -1.23 4.04
CA TRP A 584 23.36 -0.12 4.64
C TRP A 584 24.14 1.16 4.63
N LEU A 585 25.42 1.12 4.94
CA LEU A 585 26.18 2.40 4.96
C LEU A 585 26.12 3.11 3.63
N GLU A 586 26.23 2.29 2.58
CA GLU A 586 26.26 2.78 1.24
C GLU A 586 24.89 3.21 0.83
N LYS A 587 23.89 2.44 1.29
CA LYS A 587 22.53 2.87 0.98
C LYS A 587 22.24 4.22 1.68
N ASN A 588 22.72 4.38 2.90
CA ASN A 588 22.53 5.59 3.67
C ASN A 588 23.23 6.78 3.06
N LYS A 589 24.32 6.56 2.41
CA LYS A 589 24.99 7.72 1.83
C LYS A 589 24.62 7.97 0.37
N ASP A 590 24.29 6.89 -0.33
CA ASP A 590 23.90 6.95 -1.70
C ASP A 590 24.88 7.77 -2.49
N PRO A 591 26.15 7.39 -2.41
CA PRO A 591 27.28 8.12 -3.04
C PRO A 591 27.34 8.16 -4.55
N LEU A 592 27.89 9.25 -5.08
CA LEU A 592 28.10 9.42 -6.51
C LEU A 592 29.42 10.19 -6.60
N GLN A 593 30.41 9.70 -7.35
CA GLN A 593 31.70 10.38 -7.42
C GLN A 593 31.51 11.80 -7.91
N GLN A 594 32.18 12.73 -7.28
CA GLN A 594 32.09 14.11 -7.73
C GLN A 594 32.42 14.32 -9.18
N ASP A 595 33.41 13.61 -9.67
CA ASP A 595 33.74 13.85 -11.05
C ASP A 595 32.58 13.53 -11.94
N LEU A 596 31.84 12.52 -11.54
CA LEU A 596 30.72 12.17 -12.36
C LEU A 596 29.72 13.28 -12.33
N GLU A 597 29.53 13.89 -11.16
CA GLU A 597 28.60 15.04 -11.10
C GLU A 597 29.11 16.16 -12.01
N LEU A 598 30.43 16.37 -11.93
CA LEU A 598 31.02 17.40 -12.74
C LEU A 598 30.76 17.18 -14.20
N CYS A 599 31.15 16.01 -14.64
CA CYS A 599 30.95 15.64 -16.01
C CYS A 599 29.54 15.99 -16.49
N PHE A 600 28.55 15.50 -15.76
CA PHE A 600 27.14 15.71 -16.09
C PHE A 600 26.63 17.12 -15.77
N LYS A 601 27.33 17.91 -14.92
CA LYS A 601 26.90 19.29 -14.63
C LYS A 601 26.93 20.18 -15.88
N ASP A 602 27.79 19.73 -16.82
CA ASP A 602 28.09 20.30 -18.11
C ASP A 602 27.29 19.81 -19.31
N SER A 603 26.29 18.95 -19.14
CA SER A 603 25.59 18.44 -20.32
C SER A 603 25.10 19.58 -21.16
N SER A 604 24.99 19.28 -22.46
CA SER A 604 24.46 20.17 -23.47
C SER A 604 22.97 20.15 -23.30
N ASP A 605 22.45 18.89 -23.22
CA ASP A 605 21.04 18.56 -23.00
C ASP A 605 20.41 19.39 -21.90
N ASN A 606 19.22 19.92 -22.20
CA ASN A 606 18.54 20.80 -21.29
C ASN A 606 17.94 20.25 -20.02
N VAL A 607 17.56 19.00 -20.12
CA VAL A 607 17.01 18.34 -19.00
C VAL A 607 18.13 17.86 -18.13
N VAL A 608 19.06 17.14 -18.76
CA VAL A 608 20.18 16.61 -18.00
C VAL A 608 20.71 17.59 -17.06
N THR A 609 20.87 18.78 -17.60
CA THR A 609 21.39 19.87 -16.80
C THR A 609 20.57 20.23 -15.57
N LYS A 610 19.27 20.13 -15.68
CA LYS A 610 18.49 20.38 -14.49
C LYS A 610 18.80 19.35 -13.40
N LEU A 611 19.01 18.12 -13.80
CA LEU A 611 19.23 17.03 -12.88
C LEU A 611 20.47 17.14 -12.01
N PHE A 612 21.50 17.72 -12.60
CA PHE A 612 22.75 17.91 -11.92
C PHE A 612 22.87 19.35 -11.45
N ASN A 613 22.19 20.28 -12.09
CA ASN A 613 22.37 21.65 -11.70
C ASN A 613 21.40 22.22 -10.65
N ASP A 614 20.25 21.55 -10.47
CA ASP A 614 19.20 21.95 -9.50
C ASP A 614 19.25 21.29 -8.08
N PRO A 615 19.83 21.99 -7.08
CA PRO A 615 19.96 21.49 -5.74
C PRO A 615 18.72 20.80 -5.28
N ASN A 616 17.59 21.16 -5.83
CA ASN A 616 16.40 20.49 -5.32
C ASN A 616 16.24 19.07 -5.85
N ILE A 617 17.01 18.77 -6.84
CA ILE A 617 16.91 17.49 -7.47
C ILE A 617 18.20 16.77 -7.28
N ALA A 618 19.27 17.50 -7.42
CA ALA A 618 20.59 16.93 -7.34
C ALA A 618 21.08 16.62 -5.93
N SER A 619 20.32 17.00 -4.84
CA SER A 619 20.76 16.77 -3.45
C SER A 619 19.65 16.58 -2.44
N ARG A 620 20.07 16.05 -1.27
CA ARG A 620 19.19 15.82 -0.16
C ARG A 620 18.98 16.95 0.81
N ALA A 621 19.95 17.77 1.10
CA ALA A 621 19.63 18.76 2.13
C ALA A 621 19.73 20.20 1.64
N PHE A 627 24.67 18.10 4.18
CA PHE A 627 23.75 17.17 3.50
C PHE A 627 23.26 16.07 4.46
N ILE A 628 21.95 15.82 4.51
CA ILE A 628 21.43 14.76 5.34
C ILE A 628 21.63 13.42 4.67
N THR A 629 21.50 12.40 5.49
CA THR A 629 21.64 11.10 4.94
C THR A 629 20.30 10.66 4.34
N VAL A 630 20.27 9.49 3.69
CA VAL A 630 19.01 8.94 3.18
C VAL A 630 18.06 8.63 4.34
N ALA A 631 18.58 8.09 5.44
CA ALA A 631 17.71 7.85 6.59
C ALA A 631 17.10 9.11 7.13
N ALA A 632 17.91 10.12 7.26
CA ALA A 632 17.44 11.39 7.87
C ALA A 632 16.37 12.00 6.95
N GLN A 633 16.63 11.93 5.65
CA GLN A 633 15.64 12.41 4.73
C GLN A 633 14.30 11.61 4.81
N TYR A 634 14.35 10.27 4.97
CA TYR A 634 13.17 9.48 5.04
C TYR A 634 12.41 9.83 6.28
N LYS A 635 13.15 10.00 7.35
CA LYS A 635 12.45 10.29 8.56
C LYS A 635 11.64 11.61 8.50
N GLU A 636 12.29 12.56 7.91
CA GLU A 636 11.72 13.89 7.85
C GLU A 636 10.50 13.94 6.92
N GLN A 637 10.59 13.28 5.75
CA GLN A 637 9.45 13.19 4.80
C GLN A 637 8.33 12.37 5.47
N LEU A 638 8.68 11.38 6.26
CA LEU A 638 7.62 10.66 6.93
C LEU A 638 6.93 11.61 7.93
N ALA A 639 7.72 12.36 8.63
CA ALA A 639 7.09 13.22 9.63
C ALA A 639 6.20 14.30 8.93
N SER A 640 6.62 14.81 7.81
CA SER A 640 5.77 15.82 7.17
C SER A 640 4.43 15.20 6.74
N LEU A 641 4.54 14.02 6.09
CA LEU A 641 3.35 13.31 5.68
C LEU A 641 2.43 13.13 6.88
N MET A 642 2.99 12.64 8.00
CA MET A 642 2.14 12.39 9.10
C MET A 642 1.53 13.72 9.56
N ALA A 643 2.30 14.77 9.50
CA ALA A 643 1.72 16.02 9.98
C ALA A 643 0.53 16.39 9.10
N THR A 644 0.70 16.19 7.79
CA THR A 644 -0.38 16.42 6.88
C THR A 644 -1.58 15.58 7.26
N LEU A 645 -1.39 14.30 7.43
CA LEU A 645 -2.51 13.46 7.79
C LEU A 645 -3.23 13.88 9.01
N GLU A 646 -2.44 14.34 9.95
CA GLU A 646 -2.92 14.77 11.25
C GLU A 646 -3.94 15.87 11.18
N THR A 647 -3.87 16.67 10.10
CA THR A 647 -4.85 17.71 9.87
C THR A 647 -6.04 17.25 9.05
N THR A 648 -6.16 15.94 8.70
CA THR A 648 -7.28 15.51 7.88
C THR A 648 -8.22 14.64 8.62
N ASN A 649 -9.40 14.42 8.01
CA ASN A 649 -10.33 13.44 8.55
C ASN A 649 -9.95 12.16 7.75
N PRO A 650 -9.41 11.14 8.37
CA PRO A 650 -8.90 10.02 7.59
C PRO A 650 -9.89 8.90 7.30
N HIS A 651 -9.57 8.10 6.24
CA HIS A 651 -10.39 6.98 5.82
C HIS A 651 -9.45 5.87 5.43
N PHE A 652 -9.79 4.69 5.90
CA PHE A 652 -8.87 3.55 5.75
C PHE A 652 -9.35 2.43 4.87
N VAL A 653 -8.56 2.19 3.86
CA VAL A 653 -8.85 1.06 2.95
C VAL A 653 -7.67 0.02 3.06
N ARG A 654 -7.99 -1.25 3.38
CA ARG A 654 -7.09 -2.38 3.50
C ARG A 654 -7.33 -3.31 2.35
N CYS A 655 -6.45 -3.24 1.41
CA CYS A 655 -6.48 -4.14 0.21
C CYS A 655 -5.77 -5.46 0.57
N ILE A 656 -6.46 -6.61 0.34
CA ILE A 656 -6.05 -8.00 0.61
C ILE A 656 -5.81 -8.79 -0.64
N ILE A 657 -4.73 -9.51 -0.72
CA ILE A 657 -4.53 -10.44 -1.87
C ILE A 657 -5.17 -11.82 -1.39
N PRO A 658 -5.94 -12.52 -2.27
CA PRO A 658 -6.61 -13.73 -1.84
C PRO A 658 -5.70 -14.99 -1.77
N ASN A 659 -4.59 -14.96 -2.48
CA ASN A 659 -3.65 -16.05 -2.53
C ASN A 659 -2.40 -15.46 -3.11
N ASN A 660 -1.37 -16.27 -3.17
CA ASN A 660 -0.10 -15.79 -3.73
C ASN A 660 0.10 -16.23 -5.11
N LYS A 661 -0.98 -16.45 -5.81
CA LYS A 661 -0.82 -16.96 -7.13
C LYS A 661 -1.54 -16.21 -8.17
N GLN A 662 -2.05 -15.07 -7.80
CA GLN A 662 -2.72 -14.31 -8.85
C GLN A 662 -3.86 -15.06 -9.54
N LEU A 663 -4.58 -15.88 -8.80
CA LEU A 663 -5.72 -16.60 -9.37
C LEU A 663 -7.10 -16.15 -8.81
N PRO A 664 -8.16 -16.12 -9.71
CA PRO A 664 -9.48 -15.81 -9.22
C PRO A 664 -10.01 -17.06 -8.59
N ALA A 665 -10.99 -16.89 -7.79
CA ALA A 665 -11.73 -17.97 -7.16
C ALA A 665 -10.98 -18.81 -6.20
N LYS A 666 -9.91 -18.25 -5.65
CA LYS A 666 -9.11 -19.03 -4.67
C LYS A 666 -8.73 -18.23 -3.42
N LEU A 667 -9.69 -18.04 -2.51
CA LEU A 667 -9.47 -17.28 -1.28
C LEU A 667 -8.83 -18.21 -0.24
N GLU A 668 -7.51 -18.08 -0.05
CA GLU A 668 -6.75 -18.95 0.88
C GLU A 668 -6.77 -18.38 2.26
N ASP A 669 -7.37 -19.11 3.13
CA ASP A 669 -7.54 -18.76 4.50
C ASP A 669 -6.25 -18.32 5.19
N LYS A 670 -5.21 -19.08 5.04
CA LYS A 670 -4.02 -18.70 5.73
C LYS A 670 -3.49 -17.42 5.16
N VAL A 671 -3.51 -17.33 3.86
CA VAL A 671 -3.04 -16.16 3.17
C VAL A 671 -3.79 -14.91 3.58
N VAL A 672 -5.07 -15.08 3.78
CA VAL A 672 -5.93 -14.00 4.09
C VAL A 672 -5.79 -13.56 5.51
N LEU A 673 -5.84 -14.49 6.45
CA LEU A 673 -5.81 -14.20 7.89
C LEU A 673 -4.56 -13.48 8.36
N ASP A 674 -3.53 -13.83 7.67
CA ASP A 674 -2.22 -13.23 7.89
C ASP A 674 -2.25 -11.78 7.65
N GLN A 675 -2.79 -11.43 6.50
CA GLN A 675 -2.90 -10.00 6.19
C GLN A 675 -3.81 -9.31 7.20
N LEU A 676 -4.87 -9.97 7.63
CA LEU A 676 -5.82 -9.34 8.54
C LEU A 676 -5.14 -9.14 9.87
N ARG A 677 -4.35 -10.13 10.21
CA ARG A 677 -3.59 -10.02 11.45
C ARG A 677 -2.58 -8.80 11.35
N CYS A 678 -1.87 -8.64 10.21
CA CYS A 678 -0.91 -7.57 10.12
C CYS A 678 -1.43 -6.21 9.76
N ASN A 679 -2.57 -6.04 9.09
CA ASN A 679 -2.95 -4.73 8.66
C ASN A 679 -3.87 -4.05 9.64
N GLY A 680 -3.99 -4.70 10.81
CA GLY A 680 -4.80 -4.14 11.89
C GLY A 680 -6.31 -4.40 11.89
N VAL A 681 -6.89 -5.12 10.96
CA VAL A 681 -8.34 -5.35 11.01
C VAL A 681 -8.73 -6.27 12.17
N LEU A 682 -7.93 -7.28 12.37
CA LEU A 682 -8.24 -8.22 13.42
C LEU A 682 -8.14 -7.59 14.80
N GLU A 683 -7.14 -6.72 14.96
CA GLU A 683 -6.91 -6.02 16.22
C GLU A 683 -8.07 -5.07 16.47
N GLY A 684 -8.46 -4.37 15.40
CA GLY A 684 -9.54 -3.44 15.43
C GLY A 684 -10.77 -4.11 15.95
N ILE A 685 -10.95 -5.33 15.47
CA ILE A 685 -12.12 -6.13 15.76
C ILE A 685 -12.10 -6.53 17.20
N ARG A 686 -11.13 -7.37 17.52
CA ARG A 686 -11.00 -7.82 18.85
C ARG A 686 -10.94 -6.72 19.89
N ILE A 687 -10.69 -5.50 19.46
CA ILE A 687 -10.71 -4.40 20.44
C ILE A 687 -12.14 -4.13 20.81
N THR A 688 -12.85 -3.66 19.85
CA THR A 688 -14.19 -3.34 20.15
C THR A 688 -15.02 -4.52 20.68
N ARG A 689 -14.60 -5.76 20.35
CA ARG A 689 -15.25 -7.02 20.80
C ARG A 689 -15.25 -7.11 22.32
N LYS A 690 -14.31 -6.41 22.95
CA LYS A 690 -14.28 -6.39 24.39
C LYS A 690 -15.37 -5.47 24.95
N GLY A 691 -15.95 -4.64 24.08
CA GLY A 691 -17.00 -3.72 24.49
C GLY A 691 -18.42 -4.06 24.03
N PHE A 692 -18.93 -3.20 23.16
CA PHE A 692 -20.27 -3.32 22.64
C PHE A 692 -20.28 -3.18 21.15
N PRO A 693 -19.78 -4.23 20.46
CA PRO A 693 -19.66 -4.36 19.00
C PRO A 693 -20.94 -4.02 18.20
N ASN A 694 -22.08 -4.29 18.82
CA ASN A 694 -23.36 -4.03 18.22
C ASN A 694 -24.01 -2.88 18.96
N ARG A 695 -24.62 -2.00 18.19
CA ARG A 695 -25.28 -0.82 18.71
C ARG A 695 -26.41 -0.39 17.78
N ILE A 696 -27.40 -1.30 17.67
CA ILE A 696 -28.55 -1.19 16.79
C ILE A 696 -29.59 -0.11 17.10
N ILE A 697 -30.25 0.33 16.02
CA ILE A 697 -31.29 1.32 16.06
C ILE A 697 -32.49 0.68 16.74
N TYR A 698 -33.30 1.52 17.35
CA TYR A 698 -34.46 1.04 18.07
C TYR A 698 -35.54 0.51 17.15
N ALA A 699 -35.99 1.40 16.27
CA ALA A 699 -37.01 1.02 15.32
C ALA A 699 -36.52 -0.25 14.66
N ASP A 700 -35.27 -0.12 14.20
CA ASP A 700 -34.51 -1.17 13.54
C ASP A 700 -34.48 -2.50 14.27
N PHE A 701 -34.31 -2.49 15.61
CA PHE A 701 -34.32 -3.74 16.39
C PHE A 701 -35.69 -4.41 16.40
N VAL A 702 -36.68 -3.54 16.55
CA VAL A 702 -38.08 -3.88 16.63
C VAL A 702 -38.66 -4.58 15.37
N LYS A 703 -38.42 -4.01 14.18
CA LYS A 703 -38.95 -4.55 12.93
C LYS A 703 -38.79 -6.10 12.70
N ARG A 704 -37.61 -6.65 13.06
CA ARG A 704 -37.32 -8.08 12.90
C ARG A 704 -37.41 -8.85 14.20
N TYR A 705 -37.42 -8.14 15.32
CA TYR A 705 -37.49 -8.85 16.55
C TYR A 705 -38.83 -8.82 17.29
N TYR A 706 -39.81 -8.05 16.79
CA TYR A 706 -41.13 -7.97 17.44
C TYR A 706 -41.70 -9.37 17.70
N LEU A 707 -41.61 -10.18 16.65
CA LEU A 707 -42.05 -11.56 16.62
C LEU A 707 -41.97 -12.20 18.01
N ASN A 711 -46.12 -8.40 22.74
CA ASN A 711 -46.36 -7.03 23.20
C ASN A 711 -46.15 -6.00 22.08
N VAL A 712 -45.34 -6.39 21.05
CA VAL A 712 -44.92 -5.51 19.95
C VAL A 712 -45.04 -6.05 18.52
N PRO A 713 -45.50 -5.16 17.60
CA PRO A 713 -45.61 -5.40 16.16
C PRO A 713 -44.61 -4.54 15.40
N ARG A 714 -44.12 -5.07 14.28
CA ARG A 714 -43.10 -4.43 13.43
C ARG A 714 -42.89 -2.93 13.53
N ASP A 715 -43.61 -2.16 12.70
CA ASP A 715 -43.48 -0.70 12.69
C ASP A 715 -44.17 0.05 13.85
N ALA A 716 -43.63 -0.13 15.09
CA ALA A 716 -44.10 0.51 16.35
C ALA A 716 -43.40 1.88 16.61
N GLU A 717 -44.09 2.86 17.24
CA GLU A 717 -43.48 4.19 17.45
C GLU A 717 -42.75 4.53 18.78
N ASP A 718 -42.91 3.67 19.79
CA ASP A 718 -42.27 3.86 21.10
C ASP A 718 -40.94 3.07 21.14
N SER A 719 -40.34 2.93 19.92
CA SER A 719 -39.10 2.19 19.60
C SER A 719 -38.27 1.69 20.78
N GLN A 720 -37.61 2.61 21.46
CA GLN A 720 -36.81 2.29 22.62
C GLN A 720 -37.62 1.34 23.49
N LYS A 721 -38.87 1.77 23.75
CA LYS A 721 -39.76 0.97 24.57
C LYS A 721 -39.98 -0.38 23.91
N ALA A 722 -40.27 -0.31 22.63
CA ALA A 722 -40.47 -1.53 21.91
C ALA A 722 -39.22 -2.41 22.06
N THR A 723 -38.09 -1.73 22.24
CA THR A 723 -36.79 -2.38 22.39
C THR A 723 -36.44 -3.00 23.77
N ASP A 724 -36.98 -2.40 24.84
CA ASP A 724 -36.82 -2.87 26.22
C ASP A 724 -37.70 -4.11 26.28
N ALA A 725 -38.86 -3.91 25.65
CA ALA A 725 -39.97 -4.86 25.48
C ALA A 725 -39.51 -6.23 25.04
N VAL A 726 -38.95 -6.31 23.84
CA VAL A 726 -38.46 -7.60 23.38
C VAL A 726 -37.47 -8.21 24.39
N LEU A 727 -36.43 -7.42 24.77
CA LEU A 727 -35.45 -7.84 25.75
C LEU A 727 -36.20 -8.16 27.00
N LYS A 728 -37.33 -7.47 27.14
CA LYS A 728 -38.22 -7.63 28.28
C LYS A 728 -38.99 -8.95 28.35
N HIS A 729 -39.46 -9.48 27.20
CA HIS A 729 -40.18 -10.76 27.19
C HIS A 729 -39.20 -11.91 27.51
N LEU A 730 -38.19 -11.92 26.62
CA LEU A 730 -37.03 -12.79 26.55
C LEU A 730 -36.23 -12.65 27.80
N ASN A 731 -36.41 -11.44 28.34
CA ASN A 731 -35.81 -10.94 29.56
C ASN A 731 -34.30 -11.21 29.66
N ILE A 732 -33.61 -10.81 28.59
CA ILE A 732 -32.18 -10.96 28.53
C ILE A 732 -31.55 -10.20 29.67
N ASP A 733 -30.35 -10.64 29.96
CA ASP A 733 -29.56 -10.05 31.00
C ASP A 733 -29.21 -8.62 30.60
N PRO A 734 -29.41 -7.68 31.55
CA PRO A 734 -29.16 -6.26 31.32
C PRO A 734 -27.71 -5.87 31.03
N GLU A 735 -26.73 -6.41 31.75
CA GLU A 735 -25.38 -5.98 31.41
C GLU A 735 -24.89 -6.42 30.02
N GLN A 736 -25.70 -7.25 29.33
CA GLN A 736 -25.46 -7.77 27.97
C GLN A 736 -25.80 -6.75 26.86
N TYR A 737 -26.72 -5.84 27.23
CA TYR A 737 -27.22 -4.76 26.40
C TYR A 737 -27.11 -3.44 27.16
N ARG A 738 -27.21 -2.28 26.44
CA ARG A 738 -27.12 -0.89 27.00
C ARG A 738 -27.94 0.17 26.25
N PHE A 739 -28.87 0.84 26.98
CA PHE A 739 -29.73 1.90 26.42
C PHE A 739 -29.07 3.27 26.29
N GLY A 740 -28.88 3.64 25.05
CA GLY A 740 -28.35 4.92 24.79
C GLY A 740 -29.31 5.49 23.80
N ILE A 741 -29.33 6.79 23.72
CA ILE A 741 -30.19 7.46 22.78
C ILE A 741 -30.04 6.77 21.42
N THR A 742 -31.17 6.64 20.70
CA THR A 742 -31.17 6.05 19.35
C THR A 742 -30.79 4.58 19.16
N LYS A 743 -29.74 4.11 19.83
CA LYS A 743 -29.37 2.73 19.64
C LYS A 743 -29.12 2.02 20.94
N ILE A 744 -29.15 0.72 20.75
CA ILE A 744 -28.88 -0.19 21.81
C ILE A 744 -27.58 -0.78 21.42
N PHE A 745 -26.81 -1.10 22.41
CA PHE A 745 -25.60 -1.77 22.16
C PHE A 745 -25.71 -3.17 22.72
N PHE A 746 -25.02 -4.05 22.04
CA PHE A 746 -25.00 -5.42 22.43
C PHE A 746 -23.60 -5.84 22.54
N ARG A 747 -23.35 -6.33 23.72
CA ARG A 747 -22.06 -6.83 23.97
C ARG A 747 -21.89 -8.01 23.04
N ALA A 748 -20.65 -8.44 22.89
CA ALA A 748 -20.44 -9.55 22.00
C ALA A 748 -21.22 -10.80 22.40
N GLY A 749 -21.87 -11.35 21.37
CA GLY A 749 -22.67 -12.57 21.39
C GLY A 749 -24.15 -12.41 21.67
N GLN A 750 -24.48 -11.28 22.33
CA GLN A 750 -25.84 -11.01 22.68
C GLN A 750 -26.79 -11.17 21.46
N LEU A 751 -26.53 -10.42 20.38
CA LEU A 751 -27.36 -10.48 19.16
C LEU A 751 -27.71 -11.90 18.71
N ALA A 752 -26.69 -12.71 18.40
CA ALA A 752 -26.90 -14.09 17.95
C ALA A 752 -27.93 -14.88 18.79
N ARG A 753 -27.85 -14.76 20.11
CA ARG A 753 -28.77 -15.46 20.99
C ARG A 753 -30.14 -14.85 20.92
N ILE A 754 -30.15 -13.56 20.68
CA ILE A 754 -31.41 -12.85 20.56
C ILE A 754 -32.02 -13.35 19.29
N GLU A 755 -31.13 -13.44 18.36
CA GLU A 755 -31.44 -13.93 17.07
C GLU A 755 -31.70 -15.40 17.27
N GLU A 756 -31.03 -15.99 18.29
CA GLU A 756 -31.22 -17.39 18.66
C GLU A 756 -32.34 -17.50 19.71
N ALA A 757 -33.62 -17.47 19.27
CA ALA A 757 -34.80 -17.51 20.17
C ALA A 757 -36.12 -17.59 19.39
N ARG A 758 -37.08 -18.42 19.87
CA ARG A 758 -38.39 -18.65 19.23
C ARG A 758 -39.37 -17.47 19.14
N GLU A 759 -40.22 -17.49 18.10
CA GLU A 759 -41.23 -16.43 17.87
C GLU A 759 -42.59 -16.73 18.55
MG MG B . 0.42 -0.30 -6.86
BE DAQ C . 1.83 -3.06 -5.60
F1 DAQ C . 2.26 -2.95 -4.13
F2 DAQ C . 2.74 -4.03 -6.31
F3 DAQ C . 1.91 -1.75 -6.30
PB DAQ C . -1.13 -2.99 -5.72
OB1 DAQ C . -1.63 -3.21 -4.38
OB2 DAQ C . -0.97 -1.52 -6.12
OB3 DAQ C . 0.37 -3.64 -5.85
OA3 DAQ C . -2.05 -3.77 -6.75
PA DAQ C . -2.72 -3.35 -8.16
OA1 DAQ C . -3.59 -2.08 -7.90
OA2 DAQ C . -1.75 -2.94 -9.19
OE2 DAQ C . -3.56 -4.64 -8.76
NA3 DAQ C . -5.50 -7.29 -10.90
CA2 DAQ C . -3.45 -7.03 -9.51
CA1 DAQ C . -2.73 -5.73 -9.25
C1 DAQ C . -6.17 -8.00 -11.97
C6 DAQ C . -5.42 -8.49 -13.01
C5 DAQ C . -6.04 -9.10 -14.10
C4 DAQ C . -7.42 -9.26 -14.10
C3 DAQ C . -8.17 -8.77 -13.05
C2 DAQ C . -7.54 -8.17 -11.94
N4 DAQ C . -8.04 -9.92 -15.28
O4A DAQ C . -7.27 -10.36 -16.17
O4B DAQ C . -9.27 -10.16 -15.26
N2 DAQ C . -8.37 -7.67 -10.75
O2A DAQ C . -7.85 -7.11 -9.83
O2B DAQ C . -9.65 -7.77 -10.69
CA3 DAQ C . -4.06 -7.15 -10.90
#